data_4TRQ
#
_entry.id   4TRQ
#
_cell.length_a   125.741
_cell.length_b   125.741
_cell.length_c   268.367
_cell.angle_alpha   90.000
_cell.angle_beta   90.000
_cell.angle_gamma   90.000
#
_symmetry.space_group_name_H-M   'P 41 21 2'
#
loop_
_entity.id
_entity.type
_entity.pdbx_description
1 polymer 'Nuclear mRNA export protein SAC3'
2 polymer 'Nuclear mRNA export protein THP1'
3 polymer '26S proteasome complex subunit SEM1'
4 non-polymer 'SULFATE ION'
#
loop_
_entity_poly.entity_id
_entity_poly.type
_entity_poly.pdbx_seq_one_letter_code
_entity_poly.pdbx_strand_id
1 'polypeptide(L)'
;SDVRPPHILVKTLDYIVDNLLTTLPESEGFLWDRMRSIRQDFTYQNYSGPEAVDCNERIVRIHLLILHIMVKSNVEFSLQ
QELEQLHKSLITLSEIYDDVRSSGGTCPNEAEFRAYALLSKIRDPQYDENIQRLPKHIFQDKLVQMALCFRRVISNSAYT
ERGFVKTENCLNFYARFFQLMQSPSLPLLMGFFLQMHLTDIRFYALRALSHTLNKKHKPIPFIYLENMLLFNNRQEIIEF
CNYYSIEIINGDAADLKTLQHYSHKLSETQPLKKTYLTCLERRLQKTTYKGLINGGEDN
;
A,D
2 'polypeptide(L)'
;GKQRILLYLVNKLNNIYFRIESPQLCSNIFKNFQPKSMLAHFNEYQLDQQIEYRYLLGRYYLLNSQVHNAFVQFNEAFQS
LLNLPLTNQAITRNGTRILNYMIPTGLILGKMVKWGPLRPFLSQETIDNWSVLYKHVRYGNIQGVSLWLRQNERHLCARQ
LLIVLLEKLPMVTYRNLIKTVIKSWTTEWGQNKLPYSLIERVLQLSIGPTFEDPGAQEITIYNGIHSPKNVENVLVTLIN
LGLLRANCFPQLQLCVVKKTTMIQEIVPPVNERITKMFPAHSHVLW
;
B,E
3 'polypeptide(L)' EEDDEFEDFPIDTWANGETIKSNAVTQTNIWEENWDDVEVDDDFTNELKAELDRYKRENQ C,F
#
# COMPACT_ATOMS: atom_id res chain seq x y z
N SER A 1 -6.66 32.38 -24.05
CA SER A 1 -7.96 32.65 -23.48
C SER A 1 -8.24 31.72 -22.30
N ASP A 2 -9.40 31.90 -21.67
CA ASP A 2 -9.80 31.07 -20.56
C ASP A 2 -10.26 29.69 -21.04
N VAL A 3 -11.42 29.29 -20.55
CA VAL A 3 -11.93 27.97 -20.87
C VAL A 3 -13.16 28.08 -21.77
N ARG A 4 -13.21 27.20 -22.76
CA ARG A 4 -14.33 27.15 -23.67
C ARG A 4 -15.62 26.85 -22.92
N PRO A 5 -16.72 27.53 -23.32
CA PRO A 5 -18.05 27.35 -22.71
C PRO A 5 -18.69 26.03 -23.12
N PRO A 6 -19.85 25.68 -22.51
CA PRO A 6 -20.59 24.47 -22.90
C PRO A 6 -20.81 24.26 -24.40
N HIS A 7 -21.74 25.01 -24.99
CA HIS A 7 -22.26 24.69 -26.32
C HIS A 7 -21.21 24.62 -27.42
N ILE A 8 -20.03 25.20 -27.22
CA ILE A 8 -19.02 25.15 -28.28
C ILE A 8 -18.20 23.89 -28.12
N LEU A 9 -18.09 23.42 -26.88
CA LEU A 9 -17.42 22.14 -26.65
C LEU A 9 -18.26 20.95 -27.09
N VAL A 10 -19.57 21.11 -27.00
CA VAL A 10 -20.50 20.19 -27.66
C VAL A 10 -20.25 20.18 -29.17
N LYS A 11 -20.26 21.37 -29.79
CA LYS A 11 -20.11 21.48 -31.24
C LYS A 11 -18.73 21.01 -31.69
N THR A 12 -17.74 21.17 -30.82
CA THR A 12 -16.42 20.65 -31.12
C THR A 12 -16.43 19.14 -31.24
N LEU A 13 -17.07 18.49 -30.28
CA LEU A 13 -17.16 17.04 -30.27
C LEU A 13 -17.88 16.57 -31.53
N ASP A 14 -19.01 17.21 -31.83
CA ASP A 14 -19.79 16.95 -33.03
C ASP A 14 -18.92 16.82 -34.25
N TYR A 15 -18.05 17.81 -34.46
CA TYR A 15 -17.19 17.80 -35.62
C TYR A 15 -16.32 16.55 -35.63
N ILE A 16 -15.81 16.16 -34.45
CA ILE A 16 -14.97 14.98 -34.36
C ILE A 16 -15.77 13.74 -34.74
N VAL A 17 -16.98 13.64 -34.21
CA VAL A 17 -17.88 12.54 -34.50
C VAL A 17 -18.20 12.46 -35.98
N ASP A 18 -18.65 13.58 -36.53
CA ASP A 18 -19.16 13.61 -37.90
C ASP A 18 -18.08 13.53 -38.98
N ASN A 19 -16.82 13.79 -38.63
CA ASN A 19 -15.80 13.88 -39.67
C ASN A 19 -14.49 13.13 -39.44
N LEU A 20 -14.20 12.71 -38.21
CA LEU A 20 -12.87 12.15 -37.94
C LEU A 20 -12.86 10.72 -37.40
N LEU A 21 -14.03 10.16 -37.10
CA LEU A 21 -14.12 8.78 -36.65
C LEU A 21 -13.65 7.84 -37.75
N THR A 22 -14.04 8.17 -38.98
CA THR A 22 -13.73 7.34 -40.15
C THR A 22 -12.22 7.21 -40.42
N THR A 23 -11.42 7.91 -39.62
CA THR A 23 -9.97 7.88 -39.77
C THR A 23 -9.30 7.32 -38.53
N LEU A 24 -10.12 6.74 -37.65
CA LEU A 24 -9.65 6.23 -36.35
C LEU A 24 -8.55 5.16 -36.36
N PRO A 25 -8.60 4.20 -37.31
CA PRO A 25 -7.55 3.17 -37.29
C PRO A 25 -6.13 3.73 -37.14
N GLU A 26 -5.82 4.81 -37.85
CA GLU A 26 -4.50 5.42 -37.71
C GLU A 26 -4.58 6.75 -36.97
N SER A 27 -3.77 6.84 -35.90
CA SER A 27 -3.74 7.98 -34.98
C SER A 27 -5.11 8.41 -34.47
N GLU A 28 -5.55 7.70 -33.43
CA GLU A 28 -6.67 8.10 -32.59
C GLU A 28 -6.11 9.05 -31.55
N GLY A 29 -4.79 8.98 -31.39
CA GLY A 29 -4.05 9.83 -30.47
C GLY A 29 -4.49 11.27 -30.56
N PHE A 30 -4.59 11.79 -31.78
CA PHE A 30 -5.14 13.11 -32.00
C PHE A 30 -6.51 13.25 -31.33
N LEU A 31 -7.45 12.40 -31.73
CA LEU A 31 -8.80 12.49 -31.21
C LEU A 31 -8.82 12.29 -29.70
N TRP A 32 -7.91 11.46 -29.20
CA TRP A 32 -7.77 11.23 -27.77
C TRP A 32 -7.54 12.55 -27.01
N ASP A 33 -6.43 13.22 -27.27
CA ASP A 33 -6.07 14.44 -26.54
C ASP A 33 -7.11 15.53 -26.68
N ARG A 34 -7.80 15.56 -27.84
CA ARG A 34 -8.77 16.62 -28.10
C ARG A 34 -10.07 16.32 -27.34
N MET A 35 -10.30 15.04 -27.01
CA MET A 35 -11.41 14.69 -26.14
C MET A 35 -11.04 14.93 -24.69
N ARG A 36 -9.85 14.48 -24.29
CA ARG A 36 -9.29 14.72 -22.95
C ARG A 36 -9.49 16.16 -22.53
N SER A 37 -9.31 17.06 -23.50
CA SER A 37 -9.50 18.49 -23.31
C SER A 37 -10.94 18.87 -22.96
N ILE A 38 -11.88 18.36 -23.76
CA ILE A 38 -13.30 18.65 -23.57
C ILE A 38 -13.79 18.21 -22.19
N ARG A 39 -13.36 17.03 -21.79
CA ARG A 39 -13.70 16.49 -20.48
C ARG A 39 -13.03 17.27 -19.33
N GLN A 40 -11.78 17.67 -19.56
CA GLN A 40 -11.05 18.71 -18.80
C GLN A 40 -11.66 20.12 -18.71
N ASP A 41 -11.89 20.72 -19.87
CA ASP A 41 -12.38 22.09 -19.91
C ASP A 41 -13.78 22.21 -19.33
N PHE A 42 -14.45 21.09 -19.10
CA PHE A 42 -15.77 21.11 -18.46
C PHE A 42 -15.70 20.98 -16.94
N THR A 43 -14.65 20.32 -16.44
CA THR A 43 -14.46 20.20 -14.99
C THR A 43 -13.80 21.45 -14.46
N TYR A 44 -12.84 21.97 -15.20
CA TYR A 44 -12.22 23.24 -14.83
C TYR A 44 -13.28 24.31 -14.56
N GLN A 45 -14.44 24.23 -15.22
CA GLN A 45 -15.37 25.36 -15.22
C GLN A 45 -16.46 24.97 -14.24
N ASN A 46 -16.32 23.74 -13.74
CA ASN A 46 -17.26 23.12 -12.82
C ASN A 46 -18.67 23.11 -13.43
N TYR A 47 -18.77 22.78 -14.71
CA TYR A 47 -20.09 22.69 -15.33
C TYR A 47 -20.54 21.25 -15.51
N SER A 48 -21.46 20.83 -14.64
CA SER A 48 -21.98 19.45 -14.62
C SER A 48 -23.44 19.41 -15.04
N GLY A 49 -23.74 20.00 -16.19
CA GLY A 49 -25.08 19.98 -16.74
C GLY A 49 -25.14 19.13 -17.99
N PRO A 50 -26.33 19.05 -18.63
CA PRO A 50 -26.62 18.24 -19.83
C PRO A 50 -25.49 18.22 -20.86
N GLU A 51 -24.89 19.37 -21.12
CA GLU A 51 -23.76 19.45 -22.04
C GLU A 51 -22.64 18.52 -21.61
N ALA A 52 -22.37 18.49 -20.31
CA ALA A 52 -21.28 17.69 -19.77
C ALA A 52 -21.67 16.23 -19.72
N VAL A 53 -22.92 15.96 -19.39
CA VAL A 53 -23.42 14.59 -19.36
C VAL A 53 -23.23 13.99 -20.74
N ASP A 54 -23.91 14.59 -21.71
CA ASP A 54 -23.85 14.19 -23.12
C ASP A 54 -22.42 14.00 -23.65
N CYS A 55 -21.60 15.04 -23.55
CA CYS A 55 -20.24 14.97 -24.07
C CYS A 55 -19.39 13.87 -23.43
N ASN A 56 -19.43 13.76 -22.11
CA ASN A 56 -18.68 12.70 -21.43
C ASN A 56 -19.16 11.31 -21.84
N GLU A 57 -20.47 11.18 -21.97
CA GLU A 57 -21.08 9.94 -22.43
C GLU A 57 -20.53 9.48 -23.79
N ARG A 58 -20.61 10.35 -24.78
CA ARG A 58 -20.15 9.98 -26.12
C ARG A 58 -18.66 9.67 -26.12
N ILE A 59 -17.89 10.39 -25.32
CA ILE A 59 -16.46 10.12 -25.23
C ILE A 59 -16.23 8.70 -24.69
N VAL A 60 -17.07 8.26 -23.76
CA VAL A 60 -17.07 6.87 -23.31
C VAL A 60 -17.35 5.95 -24.50
N ARG A 61 -18.44 6.22 -25.22
CA ARG A 61 -18.82 5.46 -26.41
C ARG A 61 -17.71 5.41 -27.45
N ILE A 62 -17.10 6.56 -27.72
CA ILE A 62 -16.02 6.64 -28.69
C ILE A 62 -14.85 5.78 -28.21
N HIS A 63 -14.51 5.92 -26.94
CA HIS A 63 -13.44 5.12 -26.34
C HIS A 63 -13.69 3.63 -26.52
N LEU A 64 -14.96 3.24 -26.40
CA LEU A 64 -15.37 1.85 -26.63
C LEU A 64 -15.12 1.41 -28.07
N LEU A 65 -15.60 2.23 -29.00
CA LEU A 65 -15.38 2.00 -30.41
C LEU A 65 -13.90 1.79 -30.73
N ILE A 66 -13.07 2.66 -30.17
CA ILE A 66 -11.62 2.61 -30.38
C ILE A 66 -11.03 1.28 -29.94
N LEU A 67 -11.53 0.76 -28.82
CA LEU A 67 -11.06 -0.50 -28.28
C LEU A 67 -11.15 -1.66 -29.28
N HIS A 68 -12.24 -1.70 -30.06
CA HIS A 68 -12.40 -2.74 -31.07
C HIS A 68 -11.54 -2.48 -32.29
N ILE A 69 -11.67 -1.27 -32.84
CA ILE A 69 -11.00 -0.88 -34.07
C ILE A 69 -9.50 -1.03 -34.00
N MET A 70 -8.93 -0.79 -32.82
CA MET A 70 -7.49 -0.89 -32.67
C MET A 70 -7.04 -2.34 -32.65
N VAL A 71 -7.91 -3.23 -32.18
CA VAL A 71 -7.58 -4.65 -32.09
C VAL A 71 -7.80 -5.37 -33.42
N LYS A 72 -8.93 -5.10 -34.06
CA LYS A 72 -9.23 -5.67 -35.37
C LYS A 72 -8.20 -5.24 -36.40
N SER A 73 -8.07 -3.93 -36.57
CA SER A 73 -7.10 -3.37 -37.49
C SER A 73 -5.73 -3.76 -37.01
N ASN A 74 -5.64 -4.09 -35.72
CA ASN A 74 -4.41 -4.66 -35.16
C ASN A 74 -3.18 -3.84 -35.52
N VAL A 75 -3.50 -2.55 -35.57
CA VAL A 75 -2.62 -1.40 -35.39
C VAL A 75 -2.35 -1.24 -33.89
N GLU A 76 -1.13 -0.85 -33.51
CA GLU A 76 -0.76 -0.69 -32.10
C GLU A 76 -1.06 0.76 -31.65
N PHE A 77 -1.85 0.90 -30.59
CA PHE A 77 -2.37 2.19 -30.13
C PHE A 77 -1.77 2.56 -28.80
N SER A 78 -1.59 1.52 -27.98
CA SER A 78 -1.06 1.60 -26.65
C SER A 78 -1.26 0.24 -26.01
N LEU A 79 -0.62 0.03 -24.87
CA LEU A 79 -0.87 -1.15 -24.07
C LEU A 79 -2.07 -0.81 -23.18
N GLN A 80 -2.91 0.06 -23.74
CA GLN A 80 -4.17 0.58 -23.18
C GLN A 80 -3.96 1.43 -21.94
N GLN A 81 -3.42 2.63 -22.19
CA GLN A 81 -3.64 3.79 -21.35
C GLN A 81 -5.03 4.31 -21.79
N GLU A 82 -5.70 3.52 -22.63
CA GLU A 82 -6.98 3.87 -23.22
C GLU A 82 -8.09 3.61 -22.22
N LEU A 83 -7.93 2.51 -21.50
CA LEU A 83 -8.92 2.03 -20.54
C LEU A 83 -9.06 3.00 -19.37
N GLU A 84 -7.96 3.68 -19.07
CA GLU A 84 -7.91 4.63 -17.95
C GLU A 84 -8.83 5.85 -18.11
N GLN A 85 -8.68 6.54 -19.25
CA GLN A 85 -9.48 7.72 -19.60
C GLN A 85 -10.94 7.30 -19.68
N LEU A 86 -11.10 6.06 -20.16
CA LEU A 86 -12.39 5.42 -20.34
C LEU A 86 -12.95 5.25 -18.95
N HIS A 87 -12.09 4.82 -18.04
CA HIS A 87 -12.46 4.70 -16.65
C HIS A 87 -12.66 6.08 -16.01
N LYS A 88 -11.70 6.98 -16.22
CA LYS A 88 -11.72 8.30 -15.58
C LYS A 88 -12.96 9.06 -16.04
N SER A 89 -13.45 8.74 -17.24
CA SER A 89 -14.65 9.38 -17.75
C SER A 89 -15.91 8.73 -17.18
N LEU A 90 -15.80 7.46 -16.80
CA LEU A 90 -16.93 6.69 -16.27
C LEU A 90 -17.26 7.08 -14.82
N ILE A 91 -16.23 7.30 -14.01
CA ILE A 91 -16.45 7.79 -12.65
C ILE A 91 -16.99 9.23 -12.68
N THR A 92 -16.48 10.04 -13.61
CA THR A 92 -16.97 11.40 -13.76
C THR A 92 -18.46 11.37 -14.01
N LEU A 93 -18.87 10.49 -14.91
CA LEU A 93 -20.28 10.29 -15.21
C LEU A 93 -21.08 9.86 -13.98
N SER A 94 -20.54 8.89 -13.26
CA SER A 94 -21.17 8.37 -12.07
C SER A 94 -21.54 9.52 -11.14
N GLU A 95 -20.54 10.35 -10.83
CA GLU A 95 -20.72 11.51 -9.99
C GLU A 95 -21.86 12.37 -10.50
N ILE A 96 -21.90 12.60 -11.82
CA ILE A 96 -22.93 13.46 -12.39
C ILE A 96 -24.31 12.81 -12.37
N TYR A 97 -24.37 11.50 -12.59
CA TYR A 97 -25.65 10.80 -12.49
C TYR A 97 -26.13 10.93 -11.07
N ASP A 98 -25.19 10.89 -10.13
CA ASP A 98 -25.48 10.94 -8.70
C ASP A 98 -26.08 12.26 -8.22
N ASP A 99 -25.39 13.38 -8.40
CA ASP A 99 -25.91 14.65 -7.88
C ASP A 99 -27.21 15.05 -8.61
N VAL A 100 -27.32 14.73 -9.89
CA VAL A 100 -28.58 14.95 -10.62
C VAL A 100 -29.71 14.23 -9.90
N ARG A 101 -29.41 13.02 -9.43
CA ARG A 101 -30.34 12.24 -8.64
C ARG A 101 -30.67 12.96 -7.33
N SER A 102 -29.65 13.57 -6.72
CA SER A 102 -29.83 14.32 -5.48
C SER A 102 -30.71 15.56 -5.71
N SER A 103 -30.36 16.32 -6.74
CA SER A 103 -31.11 17.51 -7.15
C SER A 103 -32.48 17.17 -7.72
N GLY A 104 -32.89 15.92 -7.60
CA GLY A 104 -34.22 15.52 -8.04
C GLY A 104 -34.37 15.46 -9.54
N GLY A 105 -33.25 15.54 -10.26
CA GLY A 105 -33.26 15.46 -11.70
C GLY A 105 -33.44 14.02 -12.17
N THR A 106 -32.93 13.75 -13.37
CA THR A 106 -32.98 12.42 -13.98
C THR A 106 -32.18 12.42 -15.27
N CYS A 107 -31.29 11.45 -15.41
CA CYS A 107 -30.53 11.29 -16.66
C CYS A 107 -31.09 10.11 -17.45
N PRO A 108 -31.34 10.33 -18.76
CA PRO A 108 -32.04 9.41 -19.65
C PRO A 108 -31.25 8.18 -20.08
N ASN A 109 -29.98 8.18 -19.73
CA ASN A 109 -28.95 7.43 -20.42
C ASN A 109 -28.00 6.77 -19.43
N GLU A 110 -28.42 6.82 -18.16
CA GLU A 110 -27.66 6.33 -17.02
C GLU A 110 -27.42 4.82 -17.05
N ALA A 111 -28.50 4.08 -17.22
CA ALA A 111 -28.46 2.62 -17.21
C ALA A 111 -27.34 2.12 -18.13
N GLU A 112 -27.30 2.66 -19.34
CA GLU A 112 -26.28 2.29 -20.32
C GLU A 112 -24.89 2.40 -19.72
N PHE A 113 -24.62 3.51 -19.03
CA PHE A 113 -23.28 3.79 -18.55
C PHE A 113 -23.04 3.23 -17.15
N ARG A 114 -24.12 3.01 -16.39
CA ARG A 114 -24.00 2.22 -15.19
C ARG A 114 -23.51 0.83 -15.62
N ALA A 115 -24.09 0.33 -16.72
CA ALA A 115 -23.72 -0.97 -17.26
C ALA A 115 -22.26 -1.02 -17.75
N TYR A 116 -21.84 -0.01 -18.50
CA TYR A 116 -20.46 0.07 -18.95
C TYR A 116 -19.52 0.06 -17.74
N ALA A 117 -19.94 0.76 -16.70
CA ALA A 117 -19.15 0.86 -15.48
C ALA A 117 -18.96 -0.52 -14.88
N LEU A 118 -20.06 -1.26 -14.77
CA LEU A 118 -20.03 -2.65 -14.30
C LEU A 118 -19.05 -3.56 -15.06
N LEU A 119 -18.69 -3.19 -16.29
CA LEU A 119 -17.86 -4.04 -17.12
C LEU A 119 -16.40 -3.63 -17.18
N SER A 120 -16.08 -2.46 -16.63
CA SER A 120 -14.70 -2.01 -16.68
C SER A 120 -13.79 -2.88 -15.83
N LYS A 121 -14.23 -3.20 -14.62
CA LYS A 121 -13.39 -3.95 -13.67
C LYS A 121 -13.86 -5.40 -13.41
N ILE A 122 -15.10 -5.70 -13.79
CA ILE A 122 -15.63 -7.07 -13.96
C ILE A 122 -15.41 -8.06 -12.82
N ARG A 123 -14.27 -8.01 -12.14
CA ARG A 123 -14.05 -8.89 -10.99
C ARG A 123 -14.09 -8.11 -9.68
N ASP A 124 -14.16 -6.78 -9.79
CA ASP A 124 -14.14 -5.91 -8.62
C ASP A 124 -15.48 -5.92 -7.92
N PRO A 125 -15.51 -6.48 -6.70
CA PRO A 125 -16.77 -6.59 -5.95
C PRO A 125 -17.30 -5.21 -5.58
N GLN A 126 -16.39 -4.24 -5.59
CA GLN A 126 -16.73 -2.85 -5.36
C GLN A 126 -17.94 -2.42 -6.18
N TYR A 127 -18.00 -2.85 -7.43
CA TYR A 127 -19.01 -2.36 -8.36
C TYR A 127 -20.32 -3.10 -8.19
N ASP A 128 -20.21 -4.35 -7.73
CA ASP A 128 -21.38 -5.10 -7.32
C ASP A 128 -22.01 -4.43 -6.09
N GLU A 129 -21.16 -3.88 -5.23
CA GLU A 129 -21.59 -3.15 -4.03
C GLU A 129 -22.41 -1.93 -4.42
N ASN A 130 -21.85 -1.09 -5.29
CA ASN A 130 -22.49 0.17 -5.64
C ASN A 130 -23.82 -0.03 -6.36
N ILE A 131 -23.88 -1.02 -7.23
CA ILE A 131 -25.04 -1.16 -8.10
C ILE A 131 -26.26 -1.59 -7.31
N GLN A 132 -26.02 -2.19 -6.14
CA GLN A 132 -27.14 -2.59 -5.28
C GLN A 132 -27.73 -1.37 -4.58
N ARG A 133 -26.92 -0.33 -4.41
CA ARG A 133 -27.39 0.90 -3.77
C ARG A 133 -28.25 1.77 -4.69
N LEU A 134 -28.14 1.59 -6.00
CA LEU A 134 -28.87 2.44 -6.95
C LEU A 134 -30.36 2.16 -6.99
N PRO A 135 -31.15 3.09 -7.56
CA PRO A 135 -32.61 2.90 -7.59
C PRO A 135 -33.08 1.65 -8.32
N LYS A 136 -34.23 1.14 -7.93
CA LYS A 136 -34.83 -0.06 -8.52
C LYS A 136 -34.79 -0.05 -10.04
N HIS A 137 -35.29 1.02 -10.66
CA HIS A 137 -35.41 1.04 -12.11
C HIS A 137 -34.06 1.05 -12.82
N ILE A 138 -33.03 1.57 -12.14
CA ILE A 138 -31.70 1.56 -12.72
C ILE A 138 -31.13 0.16 -12.63
N PHE A 139 -31.38 -0.48 -11.49
CA PHE A 139 -30.85 -1.82 -11.24
C PHE A 139 -31.51 -2.81 -12.19
N GLN A 140 -32.78 -2.61 -12.48
CA GLN A 140 -33.55 -3.59 -13.24
C GLN A 140 -33.58 -3.33 -14.75
N ASP A 141 -32.87 -2.31 -15.21
CA ASP A 141 -32.84 -2.01 -16.63
C ASP A 141 -32.08 -3.12 -17.34
N LYS A 142 -32.61 -3.54 -18.48
CA LYS A 142 -32.04 -4.63 -19.29
C LYS A 142 -30.52 -4.51 -19.45
N LEU A 143 -30.03 -3.28 -19.65
CA LEU A 143 -28.59 -3.04 -19.82
C LEU A 143 -27.74 -3.35 -18.59
N VAL A 144 -28.26 -3.03 -17.41
CA VAL A 144 -27.53 -3.30 -16.17
C VAL A 144 -27.61 -4.78 -15.83
N GLN A 145 -28.81 -5.36 -15.96
CA GLN A 145 -29.05 -6.77 -15.70
C GLN A 145 -28.10 -7.63 -16.54
N MET A 146 -28.05 -7.36 -17.84
CA MET A 146 -27.19 -8.13 -18.73
C MET A 146 -25.73 -8.08 -18.24
N ALA A 147 -25.26 -6.88 -17.92
CA ALA A 147 -23.90 -6.71 -17.44
C ALA A 147 -23.66 -7.51 -16.16
N LEU A 148 -24.69 -7.63 -15.33
CA LEU A 148 -24.56 -8.41 -14.11
C LEU A 148 -24.35 -9.88 -14.44
N CYS A 149 -25.17 -10.40 -15.35
CA CYS A 149 -24.99 -11.75 -15.85
C CYS A 149 -23.55 -11.99 -16.29
N PHE A 150 -23.00 -11.09 -17.10
CA PHE A 150 -21.64 -11.25 -17.58
C PHE A 150 -20.65 -11.31 -16.43
N ARG A 151 -20.86 -10.50 -15.40
CA ARG A 151 -19.97 -10.53 -14.25
C ARG A 151 -20.15 -11.88 -13.56
N ARG A 152 -21.40 -12.31 -13.48
CA ARG A 152 -21.68 -13.51 -12.69
C ARG A 152 -21.06 -14.70 -13.38
N VAL A 153 -21.22 -14.70 -14.69
CA VAL A 153 -20.70 -15.72 -15.57
C VAL A 153 -19.17 -15.75 -15.68
N ILE A 154 -18.54 -14.58 -15.62
CA ILE A 154 -17.09 -14.52 -15.79
C ILE A 154 -16.36 -14.91 -14.49
N SER A 155 -17.05 -14.79 -13.36
CA SER A 155 -16.46 -15.10 -12.06
C SER A 155 -15.88 -16.50 -12.04
N ASN A 156 -14.69 -16.66 -11.47
CA ASN A 156 -14.01 -17.94 -11.49
C ASN A 156 -13.10 -18.10 -10.26
N SER A 157 -13.43 -19.05 -9.39
CA SER A 157 -12.69 -19.23 -8.14
C SER A 157 -11.24 -19.60 -8.35
N ALA A 158 -10.82 -19.72 -9.61
CA ALA A 158 -9.47 -20.15 -9.91
C ALA A 158 -8.60 -19.02 -10.47
N TYR A 159 -9.20 -17.84 -10.65
CA TYR A 159 -8.49 -16.70 -11.21
C TYR A 159 -7.24 -16.39 -10.40
N THR A 160 -6.10 -16.38 -11.08
CA THR A 160 -4.83 -16.13 -10.42
C THR A 160 -4.12 -14.92 -11.02
N GLU A 161 -4.05 -13.88 -10.21
CA GLU A 161 -3.43 -12.60 -10.56
C GLU A 161 -2.91 -12.05 -9.25
N ARG A 162 -1.70 -11.49 -9.22
CA ARG A 162 -1.17 -11.02 -7.93
C ARG A 162 -2.03 -9.88 -7.42
N GLY A 163 -2.38 -9.94 -6.15
CA GLY A 163 -3.19 -8.92 -5.54
C GLY A 163 -4.60 -9.39 -5.42
N PHE A 164 -4.99 -10.28 -6.33
CA PHE A 164 -6.36 -10.73 -6.40
C PHE A 164 -6.67 -11.79 -5.35
N VAL A 165 -7.80 -11.59 -4.69
CA VAL A 165 -8.27 -12.48 -3.65
C VAL A 165 -9.39 -13.34 -4.25
N LYS A 166 -9.16 -14.64 -4.29
CA LYS A 166 -10.13 -15.60 -4.83
C LYS A 166 -11.33 -15.76 -3.91
N THR A 167 -12.53 -15.87 -4.49
CA THR A 167 -13.74 -16.04 -3.70
C THR A 167 -14.43 -17.37 -3.97
N GLU A 168 -15.35 -17.75 -3.08
CA GLU A 168 -15.93 -19.10 -3.09
C GLU A 168 -17.01 -19.32 -4.13
N ASN A 169 -17.18 -20.58 -4.55
CA ASN A 169 -18.30 -20.97 -5.41
C ASN A 169 -18.51 -20.15 -6.69
N CYS A 170 -17.47 -19.87 -7.44
CA CYS A 170 -17.62 -19.06 -8.66
C CYS A 170 -17.99 -19.91 -9.87
N LEU A 171 -18.93 -19.40 -10.67
CA LEU A 171 -19.53 -20.16 -11.76
C LEU A 171 -18.54 -20.64 -12.82
N ASN A 172 -17.67 -19.75 -13.30
CA ASN A 172 -16.75 -20.05 -14.39
C ASN A 172 -17.52 -20.54 -15.60
N PHE A 173 -18.67 -19.92 -15.83
CA PHE A 173 -19.53 -20.33 -16.92
C PHE A 173 -19.04 -19.78 -18.26
N TYR A 174 -17.95 -20.38 -18.77
CA TYR A 174 -17.38 -19.98 -20.05
C TYR A 174 -18.35 -20.26 -21.17
N ALA A 175 -19.12 -21.30 -20.94
CA ALA A 175 -20.13 -21.71 -21.88
C ALA A 175 -21.18 -20.61 -22.12
N ARG A 176 -21.80 -20.09 -21.06
CA ARG A 176 -22.81 -19.02 -21.22
C ARG A 176 -22.18 -17.68 -21.54
N PHE A 177 -20.86 -17.57 -21.38
CA PHE A 177 -20.24 -16.33 -21.81
C PHE A 177 -20.33 -16.21 -23.32
N PHE A 178 -19.73 -17.16 -24.02
CA PHE A 178 -19.68 -17.12 -25.48
C PHE A 178 -21.09 -17.24 -26.06
N GLN A 179 -21.95 -18.03 -25.40
CA GLN A 179 -23.41 -17.87 -25.58
C GLN A 179 -23.90 -16.43 -25.57
N LEU A 180 -23.84 -15.77 -24.42
CA LEU A 180 -24.30 -14.37 -24.32
C LEU A 180 -23.67 -13.45 -25.34
N MET A 181 -22.39 -13.66 -25.62
CA MET A 181 -21.66 -12.80 -26.53
C MET A 181 -22.28 -12.80 -27.93
N GLN A 182 -22.75 -13.95 -28.36
CA GLN A 182 -23.39 -14.07 -29.67
C GLN A 182 -24.85 -13.63 -29.68
N SER A 183 -25.37 -13.18 -28.54
CA SER A 183 -26.78 -12.81 -28.52
C SER A 183 -27.01 -11.57 -29.37
N PRO A 184 -28.01 -11.64 -30.27
CA PRO A 184 -28.37 -10.52 -31.12
C PRO A 184 -29.04 -9.41 -30.31
N SER A 185 -29.09 -9.59 -29.00
CA SER A 185 -29.75 -8.66 -28.09
C SER A 185 -28.73 -7.80 -27.37
N LEU A 186 -27.51 -8.32 -27.28
CA LEU A 186 -26.39 -7.61 -26.69
C LEU A 186 -26.05 -6.36 -27.50
N PRO A 187 -26.04 -5.19 -26.86
CA PRO A 187 -25.55 -3.98 -27.52
C PRO A 187 -24.13 -4.16 -28.00
N LEU A 188 -23.80 -3.53 -29.13
CA LEU A 188 -22.51 -3.77 -29.77
C LEU A 188 -21.35 -3.22 -28.95
N LEU A 189 -21.39 -1.92 -28.64
CA LEU A 189 -20.33 -1.29 -27.87
C LEU A 189 -20.02 -2.05 -26.59
N MET A 190 -21.08 -2.52 -25.92
CA MET A 190 -20.96 -3.33 -24.71
C MET A 190 -20.18 -4.62 -24.98
N GLY A 191 -20.47 -5.24 -26.13
CA GLY A 191 -19.75 -6.42 -26.56
C GLY A 191 -18.26 -6.15 -26.75
N PHE A 192 -17.95 -4.97 -27.29
CA PHE A 192 -16.56 -4.58 -27.54
C PHE A 192 -15.75 -4.53 -26.25
N PHE A 193 -16.35 -3.98 -25.20
CA PHE A 193 -15.69 -3.88 -23.88
C PHE A 193 -15.36 -5.28 -23.39
N LEU A 194 -16.32 -6.19 -23.57
CA LEU A 194 -16.20 -7.55 -23.08
C LEU A 194 -15.14 -8.34 -23.85
N GLN A 195 -14.89 -7.98 -25.09
CA GLN A 195 -13.89 -8.69 -25.87
C GLN A 195 -12.49 -8.62 -25.24
N MET A 196 -12.31 -7.72 -24.28
CA MET A 196 -11.01 -7.50 -23.65
C MET A 196 -10.67 -8.65 -22.71
N HIS A 197 -11.62 -9.55 -22.54
CA HIS A 197 -11.48 -10.69 -21.64
C HIS A 197 -11.50 -12.04 -22.32
N LEU A 198 -11.42 -12.06 -23.64
CA LEU A 198 -11.52 -13.32 -24.38
C LEU A 198 -10.43 -14.31 -23.97
N THR A 199 -9.20 -13.85 -23.80
CA THR A 199 -8.10 -14.75 -23.48
C THR A 199 -8.18 -15.34 -22.08
N ASP A 200 -8.32 -14.49 -21.07
CA ASP A 200 -8.28 -15.00 -19.70
C ASP A 200 -9.49 -15.90 -19.45
N ILE A 201 -10.65 -15.49 -19.94
CA ILE A 201 -11.84 -16.34 -19.89
C ILE A 201 -11.57 -17.70 -20.52
N ARG A 202 -10.89 -17.69 -21.67
CA ARG A 202 -10.54 -18.92 -22.36
C ARG A 202 -9.51 -19.73 -21.59
N PHE A 203 -8.44 -19.09 -21.14
CA PHE A 203 -7.38 -19.81 -20.43
C PHE A 203 -7.92 -20.64 -19.27
N TYR A 204 -8.79 -20.02 -18.47
CA TYR A 204 -9.35 -20.68 -17.29
C TYR A 204 -10.44 -21.67 -17.68
N ALA A 205 -10.98 -21.52 -18.88
CA ALA A 205 -11.87 -22.53 -19.43
C ALA A 205 -11.06 -23.80 -19.70
N LEU A 206 -9.99 -23.70 -20.49
CA LEU A 206 -9.18 -24.89 -20.78
C LEU A 206 -8.59 -25.52 -19.52
N ARG A 207 -8.12 -24.68 -18.60
CA ARG A 207 -7.49 -25.18 -17.40
C ARG A 207 -8.51 -25.88 -16.52
N ALA A 208 -9.76 -25.41 -16.56
CA ALA A 208 -10.84 -26.09 -15.84
C ALA A 208 -11.15 -27.45 -16.46
N LEU A 209 -11.40 -27.47 -17.78
CA LEU A 209 -11.74 -28.72 -18.46
C LEU A 209 -10.62 -29.74 -18.32
N SER A 210 -9.39 -29.30 -18.57
CA SER A 210 -8.23 -30.18 -18.53
C SER A 210 -8.13 -30.89 -17.19
N HIS A 211 -8.62 -30.21 -16.16
CA HIS A 211 -8.53 -30.73 -14.80
C HIS A 211 -9.44 -31.93 -14.57
N THR A 212 -10.57 -31.97 -15.29
CA THR A 212 -11.53 -33.05 -15.09
C THR A 212 -11.13 -34.30 -15.87
N LEU A 213 -10.34 -34.10 -16.92
CA LEU A 213 -9.84 -35.23 -17.71
C LEU A 213 -8.92 -36.10 -16.87
N ASN A 214 -9.14 -37.41 -16.91
CA ASN A 214 -8.16 -38.33 -16.32
C ASN A 214 -6.91 -38.33 -17.20
N LYS A 215 -5.88 -39.05 -16.74
CA LYS A 215 -4.55 -38.99 -17.35
C LYS A 215 -4.50 -39.54 -18.78
N LYS A 216 -5.09 -40.72 -18.99
CA LYS A 216 -5.00 -41.37 -20.28
C LYS A 216 -5.98 -40.86 -21.32
N HIS A 217 -6.67 -39.76 -21.02
CA HIS A 217 -7.64 -39.20 -21.95
C HIS A 217 -6.97 -38.76 -23.26
N LYS A 218 -7.67 -38.96 -24.37
CA LYS A 218 -7.15 -38.61 -25.69
C LYS A 218 -7.17 -37.09 -25.87
N PRO A 219 -6.26 -36.55 -26.70
CA PRO A 219 -6.22 -35.13 -27.02
C PRO A 219 -7.59 -34.61 -27.48
N ILE A 220 -7.92 -33.36 -27.16
CA ILE A 220 -9.22 -32.85 -27.50
C ILE A 220 -9.19 -32.13 -28.85
N PRO A 221 -10.01 -32.58 -29.80
CA PRO A 221 -10.09 -32.05 -31.16
C PRO A 221 -10.25 -30.55 -31.20
N PHE A 222 -9.44 -29.87 -32.03
CA PHE A 222 -9.57 -28.43 -32.22
C PHE A 222 -11.00 -28.02 -32.51
N ILE A 223 -11.73 -28.87 -33.24
CA ILE A 223 -13.09 -28.52 -33.66
C ILE A 223 -13.96 -28.36 -32.43
N TYR A 224 -13.69 -29.18 -31.42
CA TYR A 224 -14.46 -29.12 -30.18
C TYR A 224 -14.21 -27.82 -29.44
N LEU A 225 -12.94 -27.58 -29.15
CA LEU A 225 -12.50 -26.33 -28.51
C LEU A 225 -12.97 -25.11 -29.28
N GLU A 226 -12.70 -25.08 -30.58
CA GLU A 226 -13.17 -24.02 -31.48
C GLU A 226 -14.62 -23.59 -31.24
N ASN A 227 -15.50 -24.55 -31.01
CA ASN A 227 -16.90 -24.24 -30.79
C ASN A 227 -17.18 -23.85 -29.35
N MET A 228 -16.55 -24.59 -28.44
CA MET A 228 -16.68 -24.35 -27.02
C MET A 228 -16.36 -22.91 -26.67
N LEU A 229 -15.20 -22.46 -27.12
CA LEU A 229 -14.68 -21.14 -26.78
C LEU A 229 -14.73 -20.18 -27.95
N LEU A 230 -15.70 -20.41 -28.86
CA LEU A 230 -15.98 -19.54 -30.01
C LEU A 230 -14.74 -18.82 -30.58
N PHE A 231 -13.70 -19.60 -30.91
CA PHE A 231 -12.51 -19.07 -31.59
C PHE A 231 -12.89 -18.60 -32.99
N ASN A 232 -12.08 -17.71 -33.57
CA ASN A 232 -12.36 -17.16 -34.91
C ASN A 232 -12.04 -18.12 -36.06
N ASN A 233 -11.03 -18.95 -35.85
CA ASN A 233 -10.50 -19.87 -36.86
C ASN A 233 -9.39 -20.73 -36.26
N ARG A 234 -9.15 -21.90 -36.85
CA ARG A 234 -8.18 -22.84 -36.27
C ARG A 234 -6.80 -22.24 -36.11
N GLN A 235 -6.54 -21.12 -36.80
CA GLN A 235 -5.26 -20.46 -36.68
C GLN A 235 -5.10 -19.85 -35.28
N GLU A 236 -6.17 -19.25 -34.78
CA GLU A 236 -6.14 -18.60 -33.47
C GLU A 236 -5.88 -19.63 -32.35
N ILE A 237 -6.45 -20.83 -32.52
CA ILE A 237 -6.27 -21.91 -31.55
C ILE A 237 -4.83 -22.36 -31.48
N ILE A 238 -4.21 -22.49 -32.65
CA ILE A 238 -2.82 -22.89 -32.72
C ILE A 238 -1.99 -21.87 -31.95
N GLU A 239 -2.15 -20.61 -32.30
CA GLU A 239 -1.41 -19.53 -31.63
C GLU A 239 -1.68 -19.50 -30.13
N PHE A 240 -2.93 -19.77 -29.75
CA PHE A 240 -3.31 -19.86 -28.34
C PHE A 240 -2.56 -20.99 -27.70
N CYS A 241 -2.55 -22.14 -28.37
CA CYS A 241 -1.89 -23.30 -27.81
C CYS A 241 -0.36 -23.18 -27.76
N ASN A 242 0.31 -22.40 -28.61
CA ASN A 242 1.76 -22.45 -28.42
C ASN A 242 2.07 -21.38 -27.38
N TYR A 243 1.27 -20.31 -27.31
CA TYR A 243 1.51 -19.25 -26.32
C TYR A 243 1.46 -19.77 -24.87
N TYR A 244 0.66 -20.79 -24.61
CA TYR A 244 0.53 -21.31 -23.25
C TYR A 244 1.17 -22.69 -23.10
N SER A 245 1.90 -23.10 -24.14
CA SER A 245 2.59 -24.39 -24.17
C SER A 245 1.61 -25.56 -24.09
N ILE A 246 0.49 -25.44 -24.80
CA ILE A 246 -0.45 -26.55 -24.95
C ILE A 246 -0.12 -27.34 -26.20
N GLU A 247 0.69 -28.39 -26.06
CA GLU A 247 1.22 -29.12 -27.19
C GLU A 247 0.12 -29.67 -28.09
N ILE A 248 0.30 -29.48 -29.39
CA ILE A 248 -0.70 -29.85 -30.37
C ILE A 248 -0.38 -31.23 -30.95
N ILE A 249 -1.41 -31.98 -31.34
CA ILE A 249 -1.21 -33.28 -31.95
C ILE A 249 -1.84 -33.32 -33.33
N ASN A 250 -1.03 -33.67 -34.33
CA ASN A 250 -1.44 -33.73 -35.74
C ASN A 250 -1.83 -32.38 -36.32
N GLY A 251 -1.47 -31.30 -35.62
CA GLY A 251 -1.94 -29.97 -35.98
C GLY A 251 -3.45 -29.93 -36.01
N ASP A 252 -4.06 -30.79 -35.18
CA ASP A 252 -5.46 -31.16 -35.32
C ASP A 252 -6.18 -31.18 -33.96
N ALA A 253 -5.42 -31.41 -32.89
CA ALA A 253 -6.02 -31.46 -31.57
C ALA A 253 -5.00 -31.05 -30.52
N ALA A 254 -5.49 -30.81 -29.30
CA ALA A 254 -4.67 -30.35 -28.19
C ALA A 254 -4.72 -31.31 -27.00
N ASP A 255 -3.54 -31.67 -26.50
CA ASP A 255 -3.42 -32.54 -25.34
C ASP A 255 -3.55 -31.71 -24.07
N LEU A 256 -4.78 -31.53 -23.58
CA LEU A 256 -5.03 -30.52 -22.54
C LEU A 256 -4.21 -30.69 -21.25
N LYS A 257 -3.91 -31.91 -20.84
CA LYS A 257 -3.15 -32.10 -19.61
C LYS A 257 -1.68 -31.65 -19.75
N THR A 258 -1.33 -31.13 -20.92
CA THR A 258 0.00 -30.57 -21.13
C THR A 258 0.00 -29.09 -20.76
N LEU A 259 -1.18 -28.58 -20.38
CA LEU A 259 -1.33 -27.20 -19.92
C LEU A 259 -0.99 -27.12 -18.44
N GLN A 260 0.20 -26.62 -18.12
CA GLN A 260 0.67 -26.61 -16.74
C GLN A 260 0.96 -25.21 -16.21
N HIS A 261 0.06 -24.28 -16.49
CA HIS A 261 0.17 -22.93 -15.95
C HIS A 261 -0.90 -22.67 -14.92
N TYR A 262 -0.59 -21.90 -13.89
CA TYR A 262 -1.55 -21.61 -12.84
C TYR A 262 -2.32 -20.33 -13.14
N SER A 263 -1.65 -19.41 -13.84
CA SER A 263 -2.25 -18.12 -14.14
C SER A 263 -2.24 -17.87 -15.64
N HIS A 264 -3.26 -17.16 -16.12
CA HIS A 264 -3.32 -16.75 -17.51
C HIS A 264 -2.19 -15.81 -17.85
N LYS A 265 -1.75 -15.06 -16.84
CA LYS A 265 -0.65 -14.12 -16.99
C LYS A 265 0.69 -14.81 -16.71
N LEU A 266 1.44 -15.08 -17.76
CA LEU A 266 2.73 -15.76 -17.65
C LEU A 266 3.82 -14.87 -17.07
N SER A 267 4.76 -15.49 -16.37
CA SER A 267 5.86 -14.77 -15.70
C SER A 267 6.69 -13.93 -16.66
N GLU A 268 6.57 -12.62 -16.53
CA GLU A 268 7.27 -11.63 -17.35
C GLU A 268 7.35 -12.04 -18.83
N THR A 269 6.16 -12.11 -19.42
CA THR A 269 5.99 -12.44 -20.83
C THR A 269 4.87 -11.58 -21.36
N GLN A 270 5.14 -10.95 -22.50
CA GLN A 270 4.23 -10.00 -23.10
C GLN A 270 2.86 -10.70 -23.33
N PRO A 271 1.76 -10.14 -22.76
CA PRO A 271 0.46 -10.76 -22.98
C PRO A 271 0.22 -11.20 -24.40
N LEU A 272 -0.45 -12.34 -24.57
CA LEU A 272 -0.94 -12.73 -25.88
C LEU A 272 -1.77 -11.57 -26.40
N LYS A 273 -1.57 -11.16 -27.65
CA LYS A 273 -2.20 -9.92 -28.09
C LYS A 273 -3.71 -10.05 -28.24
N LYS A 274 -4.37 -9.00 -27.77
CA LYS A 274 -5.82 -8.84 -27.76
C LYS A 274 -6.47 -9.35 -29.04
N THR A 275 -7.60 -10.03 -28.88
CA THR A 275 -8.33 -10.51 -30.02
C THR A 275 -9.76 -9.98 -30.01
N TYR A 276 -10.59 -10.50 -30.90
CA TYR A 276 -11.95 -10.03 -31.06
C TYR A 276 -12.85 -11.19 -31.43
N LEU A 277 -14.14 -10.91 -31.61
CA LEU A 277 -15.05 -11.93 -32.08
C LEU A 277 -15.63 -11.52 -33.43
N THR A 278 -15.46 -12.40 -34.42
CA THR A 278 -16.03 -12.23 -35.76
C THR A 278 -17.45 -11.73 -35.66
N CYS A 279 -18.27 -12.52 -34.97
CA CYS A 279 -19.62 -12.18 -34.55
C CYS A 279 -19.92 -10.67 -34.51
N LEU A 280 -19.04 -9.92 -33.84
CA LEU A 280 -19.28 -8.50 -33.59
C LEU A 280 -18.61 -7.62 -34.64
N GLU A 281 -17.54 -8.11 -35.24
CA GLU A 281 -16.94 -7.42 -36.37
C GLU A 281 -17.97 -7.28 -37.48
N ARG A 282 -18.57 -8.41 -37.84
CA ARG A 282 -19.70 -8.46 -38.77
C ARG A 282 -20.74 -7.40 -38.44
N ARG A 283 -21.17 -7.34 -37.18
CA ARG A 283 -22.18 -6.37 -36.73
C ARG A 283 -21.73 -4.94 -37.00
N LEU A 284 -20.44 -4.69 -36.80
CA LEU A 284 -19.87 -3.36 -36.99
C LEU A 284 -19.95 -2.89 -38.45
N GLN A 285 -19.49 -3.74 -39.37
CA GLN A 285 -19.44 -3.37 -40.77
C GLN A 285 -20.82 -3.05 -41.33
N LYS A 286 -21.85 -3.74 -40.86
CA LYS A 286 -23.21 -3.46 -41.30
C LYS A 286 -23.78 -2.18 -40.68
N THR A 287 -22.96 -1.45 -39.92
CA THR A 287 -23.42 -0.19 -39.33
C THR A 287 -22.39 0.93 -39.47
N THR A 288 -22.71 2.09 -38.91
CA THR A 288 -21.92 3.30 -39.08
C THR A 288 -21.31 3.81 -37.76
N TYR A 289 -20.02 4.13 -37.78
CA TYR A 289 -19.29 4.62 -36.61
C TYR A 289 -20.06 5.72 -35.88
N LYS A 290 -20.47 6.74 -36.62
CA LYS A 290 -21.20 7.85 -36.03
C LYS A 290 -22.47 7.35 -35.37
N GLY A 291 -23.14 6.42 -36.05
CA GLY A 291 -24.39 5.86 -35.57
C GLY A 291 -24.26 5.24 -34.20
N LEU A 292 -23.18 4.49 -33.99
CA LEU A 292 -22.90 3.89 -32.68
C LEU A 292 -22.73 4.96 -31.62
N ILE A 293 -21.94 5.96 -31.96
CA ILE A 293 -21.62 6.99 -30.98
C ILE A 293 -22.83 7.88 -30.59
N ASN A 294 -23.78 8.22 -31.47
CA ASN A 294 -24.86 9.01 -30.86
C ASN A 294 -26.03 8.12 -30.50
N GLY A 295 -25.77 6.85 -30.18
CA GLY A 295 -26.80 5.96 -29.65
C GLY A 295 -27.34 6.54 -28.36
N GLY A 296 -28.55 6.13 -27.97
CA GLY A 296 -29.15 6.65 -26.74
C GLY A 296 -29.83 7.99 -26.98
N GLU A 297 -30.61 8.42 -26.00
CA GLU A 297 -31.47 9.58 -26.15
C GLU A 297 -30.73 10.90 -26.00
N ASP A 298 -31.48 12.00 -26.00
CA ASP A 298 -30.89 13.33 -25.88
C ASP A 298 -30.91 13.82 -24.44
N ASN A 299 -29.81 14.44 -24.03
CA ASN A 299 -29.71 15.05 -22.72
C ASN A 299 -30.21 16.49 -22.79
N GLY B 1 -7.98 -3.07 27.57
CA GLY B 1 -6.57 -3.07 27.88
C GLY B 1 -6.10 -1.70 28.31
N LYS B 2 -4.97 -1.26 27.75
CA LYS B 2 -4.56 0.13 27.93
C LYS B 2 -5.06 0.96 26.74
N GLN B 3 -5.58 2.15 27.06
CA GLN B 3 -6.30 3.08 26.15
C GLN B 3 -7.64 2.42 25.81
N ARG B 4 -8.38 2.20 26.89
CA ARG B 4 -9.55 1.34 26.98
C ARG B 4 -10.63 1.65 25.98
N ILE B 5 -10.59 2.84 25.40
CA ILE B 5 -11.66 3.29 24.52
C ILE B 5 -11.35 3.10 23.04
N LEU B 6 -10.17 2.57 22.74
CA LEU B 6 -9.74 2.33 21.37
C LEU B 6 -10.82 1.60 20.58
N LEU B 7 -11.07 0.35 20.96
CA LEU B 7 -12.08 -0.46 20.29
C LEU B 7 -13.41 0.30 20.20
N TYR B 8 -13.82 0.87 21.33
CA TYR B 8 -15.02 1.69 21.40
C TYR B 8 -15.05 2.78 20.33
N LEU B 9 -13.93 3.50 20.20
CA LEU B 9 -13.82 4.54 19.18
C LEU B 9 -13.87 3.94 17.79
N VAL B 10 -13.14 2.85 17.60
CA VAL B 10 -13.05 2.20 16.30
C VAL B 10 -14.44 1.84 15.76
N ASN B 11 -15.22 1.10 16.54
CA ASN B 11 -16.56 0.71 16.11
C ASN B 11 -17.44 1.92 15.85
N LYS B 12 -17.34 2.91 16.74
CA LYS B 12 -18.05 4.17 16.61
C LYS B 12 -17.82 4.72 15.21
N LEU B 13 -16.56 4.69 14.79
CA LEU B 13 -16.09 5.22 13.51
C LEU B 13 -16.56 4.40 12.29
N ASN B 14 -16.20 3.11 12.26
CA ASN B 14 -16.60 2.24 11.14
C ASN B 14 -18.11 2.22 10.91
N ASN B 15 -18.90 2.25 11.98
CA ASN B 15 -20.35 2.35 11.83
C ASN B 15 -20.74 3.58 11.02
N ILE B 16 -19.92 4.63 11.11
CA ILE B 16 -20.16 5.83 10.32
C ILE B 16 -19.82 5.55 8.86
N TYR B 17 -18.64 4.95 8.64
CA TYR B 17 -18.21 4.63 7.27
C TYR B 17 -19.27 3.85 6.52
N PHE B 18 -19.86 2.86 7.19
CA PHE B 18 -20.99 2.15 6.65
C PHE B 18 -22.18 3.07 6.40
N ARG B 19 -22.48 3.93 7.37
CA ARG B 19 -23.67 4.78 7.29
C ARG B 19 -23.64 5.72 6.09
N ILE B 20 -22.45 6.22 5.79
CA ILE B 20 -22.26 7.13 4.66
C ILE B 20 -21.99 6.34 3.39
N GLU B 21 -22.22 5.02 3.47
CA GLU B 21 -22.07 4.12 2.35
C GLU B 21 -20.66 4.11 1.77
N SER B 22 -19.65 4.06 2.64
CA SER B 22 -18.28 3.86 2.20
C SER B 22 -17.56 2.85 3.06
N PRO B 23 -18.08 1.61 3.12
CA PRO B 23 -17.52 0.66 4.07
C PRO B 23 -16.09 0.28 3.69
N GLN B 24 -15.75 0.50 2.42
CA GLN B 24 -14.42 0.13 1.97
C GLN B 24 -13.34 0.97 2.64
N LEU B 25 -13.77 1.97 3.43
CA LEU B 25 -12.86 2.83 4.17
C LEU B 25 -12.50 2.20 5.51
N CYS B 26 -13.34 1.28 5.97
CA CYS B 26 -13.10 0.55 7.23
C CYS B 26 -11.83 -0.23 7.15
N SER B 27 -11.39 -0.53 5.94
CA SER B 27 -10.24 -1.37 5.71
C SER B 27 -8.99 -0.83 6.43
N ASN B 28 -8.79 0.47 6.33
CA ASN B 28 -7.61 1.10 6.93
C ASN B 28 -7.65 1.07 8.46
N ILE B 29 -8.85 1.05 9.02
CA ILE B 29 -9.03 0.96 10.46
C ILE B 29 -8.73 -0.46 10.95
N PHE B 30 -9.27 -1.45 10.23
CA PHE B 30 -9.04 -2.86 10.53
C PHE B 30 -7.55 -3.13 10.56
N LYS B 31 -6.87 -2.71 9.50
CA LYS B 31 -5.45 -2.99 9.31
C LYS B 31 -4.59 -2.50 10.47
N ASN B 32 -5.13 -1.62 11.29
CA ASN B 32 -4.38 -1.13 12.45
C ASN B 32 -4.35 -2.08 13.63
N PHE B 33 -5.01 -3.24 13.51
CA PHE B 33 -5.05 -4.21 14.60
C PHE B 33 -4.08 -5.35 14.39
N GLN B 34 -3.33 -5.32 13.30
CA GLN B 34 -2.42 -6.44 13.04
C GLN B 34 -1.01 -6.33 13.63
N PRO B 35 -0.53 -5.11 13.95
CA PRO B 35 0.73 -5.12 14.70
C PRO B 35 0.66 -5.90 16.00
N LYS B 36 1.64 -6.80 16.21
CA LYS B 36 1.77 -7.66 17.39
C LYS B 36 1.16 -7.10 18.66
N SER B 37 1.57 -5.90 19.02
CA SER B 37 1.08 -5.22 20.21
C SER B 37 -0.43 -5.02 20.16
N MET B 38 -0.89 -4.42 19.07
CA MET B 38 -2.30 -4.09 18.88
C MET B 38 -3.18 -5.33 18.83
N LEU B 39 -2.61 -6.42 18.33
CA LEU B 39 -3.35 -7.67 18.17
C LEU B 39 -3.64 -8.29 19.53
N ALA B 40 -2.69 -8.17 20.45
CA ALA B 40 -2.80 -8.71 21.79
C ALA B 40 -3.99 -8.13 22.57
N HIS B 41 -4.12 -6.82 22.51
CA HIS B 41 -5.14 -6.11 23.29
C HIS B 41 -6.56 -6.52 22.93
N PHE B 42 -6.79 -6.86 21.66
CA PHE B 42 -8.14 -7.03 21.14
C PHE B 42 -9.03 -7.86 22.05
N ASN B 43 -8.54 -8.99 22.54
CA ASN B 43 -9.37 -9.85 23.37
C ASN B 43 -9.38 -9.43 24.84
N GLU B 44 -8.99 -8.19 25.11
CA GLU B 44 -9.02 -7.63 26.46
C GLU B 44 -10.10 -6.56 26.61
N TYR B 45 -10.61 -6.06 25.50
CA TYR B 45 -11.70 -5.10 25.55
C TYR B 45 -12.96 -5.81 26.00
N GLN B 46 -13.99 -5.03 26.34
CA GLN B 46 -15.30 -5.59 26.69
C GLN B 46 -15.75 -6.59 25.63
N LEU B 47 -16.35 -7.69 26.07
CA LEU B 47 -16.83 -8.70 25.14
C LEU B 47 -17.80 -8.12 24.12
N ASP B 48 -18.75 -7.32 24.58
CA ASP B 48 -19.80 -6.80 23.68
C ASP B 48 -19.23 -5.81 22.68
N GLN B 49 -17.99 -5.41 22.92
CA GLN B 49 -17.29 -4.47 22.03
C GLN B 49 -16.53 -5.24 20.97
N GLN B 50 -15.94 -6.36 21.38
CA GLN B 50 -15.33 -7.30 20.47
C GLN B 50 -16.36 -7.81 19.50
N ILE B 51 -17.51 -8.18 20.04
CA ILE B 51 -18.61 -8.71 19.26
C ILE B 51 -18.99 -7.78 18.11
N GLU B 52 -19.18 -6.49 18.39
CA GLU B 52 -19.57 -5.54 17.35
C GLU B 52 -18.50 -5.39 16.28
N TYR B 53 -17.24 -5.43 16.70
CA TYR B 53 -16.13 -5.33 15.78
C TYR B 53 -16.14 -6.48 14.79
N ARG B 54 -16.53 -7.66 15.27
CA ARG B 54 -16.57 -8.84 14.44
C ARG B 54 -17.74 -8.76 13.51
N TYR B 55 -18.81 -8.17 13.99
CA TYR B 55 -20.00 -8.00 13.17
C TYR B 55 -19.80 -6.99 12.05
N LEU B 56 -18.83 -6.09 12.20
CA LEU B 56 -18.55 -5.14 11.15
C LEU B 56 -17.47 -5.69 10.24
N LEU B 57 -16.48 -6.34 10.82
CA LEU B 57 -15.44 -6.99 10.03
C LEU B 57 -16.12 -8.01 9.14
N GLY B 58 -17.13 -8.67 9.71
CA GLY B 58 -17.91 -9.66 8.99
C GLY B 58 -18.61 -9.02 7.80
N ARG B 59 -19.41 -8.00 8.05
CA ARG B 59 -20.15 -7.35 6.99
C ARG B 59 -19.19 -6.84 5.90
N TYR B 60 -18.05 -6.33 6.34
CA TYR B 60 -17.02 -5.85 5.41
C TYR B 60 -16.54 -6.98 4.50
N TYR B 61 -16.15 -8.10 5.10
CA TYR B 61 -15.71 -9.27 4.36
C TYR B 61 -16.72 -9.69 3.30
N LEU B 62 -18.00 -9.66 3.66
CA LEU B 62 -19.05 -10.15 2.79
C LEU B 62 -19.24 -9.23 1.60
N LEU B 63 -18.86 -7.96 1.77
CA LEU B 63 -18.95 -6.98 0.68
C LEU B 63 -17.91 -7.26 -0.38
N ASN B 64 -16.85 -7.96 -0.01
CA ASN B 64 -15.83 -8.36 -0.96
C ASN B 64 -15.96 -9.85 -1.27
N SER B 65 -17.12 -10.39 -0.91
CA SER B 65 -17.49 -11.76 -1.22
C SER B 65 -16.54 -12.81 -0.64
N GLN B 66 -15.75 -12.41 0.36
CA GLN B 66 -14.94 -13.37 1.09
C GLN B 66 -15.80 -14.13 2.12
N VAL B 67 -16.60 -15.06 1.64
CA VAL B 67 -17.70 -15.59 2.42
C VAL B 67 -17.26 -16.36 3.67
N HIS B 68 -16.23 -17.20 3.54
CA HIS B 68 -15.76 -17.91 4.71
C HIS B 68 -15.15 -16.96 5.75
N ASN B 69 -14.44 -15.93 5.29
CA ASN B 69 -13.94 -14.89 6.18
C ASN B 69 -15.09 -14.26 6.96
N ALA B 70 -16.10 -13.80 6.22
CA ALA B 70 -17.29 -13.25 6.83
C ALA B 70 -17.88 -14.25 7.80
N PHE B 71 -17.82 -15.53 7.44
CA PHE B 71 -18.44 -16.57 8.27
C PHE B 71 -17.80 -16.72 9.65
N VAL B 72 -16.48 -16.82 9.71
CA VAL B 72 -15.85 -17.06 10.99
C VAL B 72 -16.12 -15.90 11.93
N GLN B 73 -16.27 -14.69 11.38
CA GLN B 73 -16.50 -13.54 12.22
C GLN B 73 -17.94 -13.53 12.73
N PHE B 74 -18.91 -13.50 11.81
CA PHE B 74 -20.31 -13.62 12.19
C PHE B 74 -20.56 -14.77 13.18
N ASN B 75 -19.80 -15.85 13.03
CA ASN B 75 -19.96 -17.00 13.93
C ASN B 75 -19.49 -16.70 15.34
N GLU B 76 -18.20 -16.48 15.48
CA GLU B 76 -17.59 -16.04 16.72
C GLU B 76 -18.40 -14.92 17.37
N ALA B 77 -18.81 -13.95 16.56
CA ALA B 77 -19.61 -12.84 17.05
C ALA B 77 -20.85 -13.38 17.73
N PHE B 78 -21.70 -14.03 16.93
CA PHE B 78 -22.96 -14.51 17.45
C PHE B 78 -22.74 -15.51 18.57
N GLN B 79 -21.63 -16.25 18.61
CA GLN B 79 -21.54 -17.19 19.74
C GLN B 79 -21.28 -16.41 21.03
N SER B 80 -20.39 -15.41 20.95
CA SER B 80 -20.05 -14.62 22.13
C SER B 80 -21.29 -13.94 22.71
N LEU B 81 -22.15 -13.42 21.84
CA LEU B 81 -23.34 -12.71 22.31
C LEU B 81 -24.19 -13.65 23.13
N LEU B 82 -24.14 -14.93 22.80
CA LEU B 82 -24.94 -15.87 23.54
C LEU B 82 -24.45 -16.16 24.98
N ASN B 83 -23.38 -15.54 25.49
CA ASN B 83 -23.22 -15.69 26.91
C ASN B 83 -23.59 -14.39 27.65
N LEU B 84 -24.20 -13.44 26.96
CA LEU B 84 -24.73 -12.26 27.63
C LEU B 84 -26.16 -12.57 28.12
N PRO B 85 -26.67 -11.78 29.08
CA PRO B 85 -28.06 -12.03 29.50
C PRO B 85 -29.07 -11.81 28.37
N LEU B 86 -29.46 -12.87 27.66
CA LEU B 86 -30.31 -12.75 26.49
C LEU B 86 -31.72 -12.25 26.81
N THR B 87 -31.82 -11.33 27.77
CA THR B 87 -33.11 -10.93 28.30
C THR B 87 -33.48 -9.47 28.07
N ASN B 88 -32.59 -8.70 27.45
CA ASN B 88 -32.96 -7.32 27.17
C ASN B 88 -32.91 -7.00 25.69
N GLN B 89 -33.89 -6.20 25.26
CA GLN B 89 -34.08 -5.79 23.86
C GLN B 89 -32.76 -5.54 23.15
N ALA B 90 -31.88 -4.78 23.79
CA ALA B 90 -30.60 -4.41 23.21
C ALA B 90 -29.85 -5.62 22.69
N ILE B 91 -29.49 -6.51 23.61
CA ILE B 91 -28.78 -7.74 23.28
C ILE B 91 -29.57 -8.65 22.32
N THR B 92 -30.83 -8.92 22.66
CA THR B 92 -31.68 -9.73 21.81
C THR B 92 -31.67 -9.20 20.38
N ARG B 93 -31.87 -7.89 20.24
CA ARG B 93 -32.05 -7.26 18.93
C ARG B 93 -30.74 -7.15 18.15
N ASN B 94 -29.59 -7.18 18.84
CA ASN B 94 -28.31 -7.10 18.13
C ASN B 94 -27.88 -8.48 17.65
N GLY B 95 -28.45 -9.52 18.25
CA GLY B 95 -28.21 -10.86 17.77
C GLY B 95 -28.90 -10.99 16.43
N THR B 96 -30.12 -10.48 16.36
CA THR B 96 -30.92 -10.48 15.13
C THR B 96 -30.16 -9.85 13.97
N ARG B 97 -29.65 -8.64 14.21
CA ARG B 97 -28.82 -7.94 13.24
C ARG B 97 -27.71 -8.83 12.68
N ILE B 98 -27.12 -9.67 13.53
CA ILE B 98 -26.05 -10.58 13.14
C ILE B 98 -26.57 -11.75 12.34
N LEU B 99 -27.67 -12.35 12.79
CA LEU B 99 -28.28 -13.48 12.09
C LEU B 99 -28.68 -13.12 10.64
N ASN B 100 -29.07 -11.88 10.42
CA ASN B 100 -29.46 -11.42 9.08
C ASN B 100 -28.34 -11.51 8.04
N TYR B 101 -27.11 -11.60 8.53
CA TYR B 101 -25.96 -11.79 7.68
C TYR B 101 -25.41 -13.19 7.83
N MET B 102 -25.48 -13.70 9.05
CA MET B 102 -24.89 -15.00 9.35
C MET B 102 -25.63 -16.14 8.64
N ILE B 103 -26.95 -16.07 8.57
CA ILE B 103 -27.74 -17.11 7.92
C ILE B 103 -27.37 -17.26 6.43
N PRO B 104 -27.44 -16.17 5.62
CA PRO B 104 -27.09 -16.44 4.23
C PRO B 104 -25.61 -16.66 4.03
N THR B 105 -24.77 -16.10 4.89
CA THR B 105 -23.34 -16.32 4.76
C THR B 105 -23.04 -17.80 4.92
N GLY B 106 -23.70 -18.43 5.89
CA GLY B 106 -23.47 -19.84 6.14
C GLY B 106 -24.04 -20.72 5.05
N LEU B 107 -25.18 -20.33 4.49
CA LEU B 107 -25.84 -21.16 3.48
C LEU B 107 -24.95 -21.38 2.28
N ILE B 108 -24.31 -20.30 1.86
CA ILE B 108 -23.34 -20.32 0.77
C ILE B 108 -22.24 -21.32 1.06
N LEU B 109 -21.87 -21.45 2.32
CA LEU B 109 -20.83 -22.41 2.69
C LEU B 109 -21.43 -23.78 2.99
N GLY B 110 -22.68 -23.98 2.59
CA GLY B 110 -23.33 -25.28 2.70
C GLY B 110 -23.60 -25.64 4.15
N LYS B 111 -24.22 -24.72 4.86
CA LYS B 111 -24.52 -24.90 6.28
C LYS B 111 -25.86 -24.29 6.65
N MET B 112 -26.74 -25.09 7.23
CA MET B 112 -28.05 -24.59 7.62
C MET B 112 -28.13 -24.36 9.13
N VAL B 113 -28.72 -23.23 9.52
CA VAL B 113 -28.76 -22.90 10.93
C VAL B 113 -29.84 -23.72 11.66
N LYS B 114 -29.61 -24.02 12.93
CA LYS B 114 -30.56 -24.78 13.75
C LYS B 114 -31.60 -23.85 14.34
N TRP B 115 -32.84 -23.90 13.83
CA TRP B 115 -33.83 -22.88 14.15
C TRP B 115 -34.17 -22.74 15.64
N GLY B 116 -34.02 -23.81 16.40
CA GLY B 116 -34.35 -23.79 17.82
C GLY B 116 -33.79 -22.60 18.57
N PRO B 117 -32.47 -22.63 18.84
CA PRO B 117 -31.70 -21.55 19.48
C PRO B 117 -31.94 -20.14 18.93
N LEU B 118 -32.48 -20.01 17.72
CA LEU B 118 -32.61 -18.68 17.11
C LEU B 118 -34.01 -18.11 17.21
N ARG B 119 -34.97 -18.96 17.56
CA ARG B 119 -36.35 -18.52 17.69
C ARG B 119 -36.54 -17.29 18.60
N PRO B 120 -35.81 -17.23 19.74
CA PRO B 120 -35.90 -15.97 20.49
C PRO B 120 -35.40 -14.75 19.73
N PHE B 121 -34.53 -14.93 18.74
CA PHE B 121 -34.00 -13.81 17.97
C PHE B 121 -34.74 -13.53 16.65
N LEU B 122 -35.37 -14.55 16.07
CA LEU B 122 -36.02 -14.36 14.77
C LEU B 122 -37.52 -14.53 14.86
N SER B 123 -38.26 -13.86 13.99
CA SER B 123 -39.70 -14.05 13.91
C SER B 123 -40.03 -15.35 13.17
N GLN B 124 -41.28 -15.81 13.27
CA GLN B 124 -41.65 -17.00 12.50
C GLN B 124 -41.63 -16.63 11.03
N GLU B 125 -42.13 -15.43 10.70
CA GLU B 125 -42.16 -14.93 9.34
C GLU B 125 -40.78 -14.99 8.69
N THR B 126 -39.77 -14.56 9.42
CA THR B 126 -38.41 -14.60 8.92
C THR B 126 -37.91 -16.04 8.81
N ILE B 127 -38.04 -16.80 9.89
CA ILE B 127 -37.64 -18.20 9.90
C ILE B 127 -38.32 -18.94 8.75
N ASP B 128 -39.61 -18.69 8.60
CA ASP B 128 -40.38 -19.22 7.48
C ASP B 128 -39.69 -18.95 6.16
N ASN B 129 -39.39 -17.68 5.91
CA ASN B 129 -38.83 -17.25 4.65
C ASN B 129 -37.51 -17.92 4.30
N TRP B 130 -36.57 -17.89 5.25
CA TRP B 130 -35.27 -18.49 5.06
C TRP B 130 -35.38 -20.00 4.92
N SER B 131 -36.48 -20.56 5.42
CA SER B 131 -36.69 -22.00 5.36
C SER B 131 -37.07 -22.43 3.96
N VAL B 132 -37.76 -21.56 3.23
CA VAL B 132 -38.08 -21.85 1.85
C VAL B 132 -36.79 -21.95 1.03
N LEU B 133 -35.90 -20.98 1.17
CA LEU B 133 -34.65 -21.00 0.42
C LEU B 133 -33.84 -22.24 0.79
N TYR B 134 -33.81 -22.57 2.08
CA TYR B 134 -33.16 -23.80 2.53
C TYR B 134 -33.70 -24.98 1.71
N LYS B 135 -35.01 -25.00 1.51
CA LYS B 135 -35.67 -26.07 0.75
C LYS B 135 -35.04 -26.26 -0.63
N HIS B 136 -35.14 -25.23 -1.46
CA HIS B 136 -34.66 -25.30 -2.84
C HIS B 136 -33.18 -25.67 -2.91
N VAL B 137 -32.36 -24.99 -2.13
CA VAL B 137 -30.94 -25.27 -2.13
C VAL B 137 -30.66 -26.76 -1.82
N ARG B 138 -31.45 -27.33 -0.92
CA ARG B 138 -31.22 -28.72 -0.49
C ARG B 138 -31.58 -29.67 -1.62
N TYR B 139 -32.76 -29.43 -2.17
CA TYR B 139 -33.36 -30.26 -3.18
C TYR B 139 -32.80 -30.04 -4.54
N GLY B 140 -31.91 -29.08 -4.69
CA GLY B 140 -31.21 -28.83 -5.95
C GLY B 140 -32.02 -28.12 -7.02
N ASN B 141 -33.02 -27.34 -6.59
CA ASN B 141 -33.97 -26.72 -7.51
C ASN B 141 -33.58 -25.28 -7.87
N ILE B 142 -32.64 -25.15 -8.80
CA ILE B 142 -32.17 -23.85 -9.27
C ILE B 142 -33.28 -22.82 -9.55
N GLN B 143 -34.34 -23.22 -10.24
CA GLN B 143 -35.44 -22.27 -10.51
C GLN B 143 -36.02 -21.76 -9.20
N GLY B 144 -36.20 -22.67 -8.25
CA GLY B 144 -36.64 -22.34 -6.92
C GLY B 144 -35.85 -21.22 -6.26
N VAL B 145 -34.52 -21.36 -6.25
CA VAL B 145 -33.63 -20.34 -5.70
C VAL B 145 -33.73 -19.02 -6.45
N SER B 146 -33.63 -19.08 -7.79
CA SER B 146 -33.69 -17.89 -8.64
C SER B 146 -34.96 -17.09 -8.36
N LEU B 147 -36.04 -17.79 -8.07
CA LEU B 147 -37.31 -17.14 -7.73
C LEU B 147 -37.36 -16.64 -6.30
N TRP B 148 -36.70 -17.33 -5.37
CA TRP B 148 -36.59 -16.84 -4.01
C TRP B 148 -35.83 -15.52 -3.96
N LEU B 149 -34.66 -15.51 -4.57
CA LEU B 149 -33.85 -14.30 -4.72
C LEU B 149 -34.65 -13.17 -5.37
N ARG B 150 -35.42 -13.51 -6.41
CA ARG B 150 -36.19 -12.51 -7.12
C ARG B 150 -37.26 -11.97 -6.19
N GLN B 151 -37.82 -12.85 -5.37
CA GLN B 151 -38.85 -12.38 -4.49
C GLN B 151 -38.33 -11.51 -3.32
N ASN B 152 -37.14 -11.73 -2.75
CA ASN B 152 -36.74 -10.71 -1.80
C ASN B 152 -35.56 -9.91 -2.37
N GLU B 153 -35.67 -9.51 -3.63
CA GLU B 153 -34.61 -8.76 -4.30
C GLU B 153 -34.30 -7.47 -3.55
N ARG B 154 -35.31 -6.65 -3.36
CA ARG B 154 -35.12 -5.32 -2.81
C ARG B 154 -34.49 -5.36 -1.43
N HIS B 155 -35.11 -6.12 -0.52
CA HIS B 155 -34.62 -6.24 0.84
C HIS B 155 -33.17 -6.73 0.84
N LEU B 156 -32.87 -7.69 -0.03
CA LEU B 156 -31.52 -8.27 -0.09
C LEU B 156 -30.50 -7.23 -0.56
N CYS B 157 -30.89 -6.44 -1.55
CA CYS B 157 -30.03 -5.37 -2.05
C CYS B 157 -29.66 -4.41 -0.92
N ALA B 158 -30.64 -4.09 -0.07
CA ALA B 158 -30.44 -3.16 1.03
C ALA B 158 -29.34 -3.64 1.96
N ARG B 159 -29.35 -4.91 2.33
CA ARG B 159 -28.30 -5.44 3.19
C ARG B 159 -27.14 -5.92 2.35
N GLN B 160 -27.17 -5.58 1.06
CA GLN B 160 -26.12 -5.95 0.12
C GLN B 160 -25.83 -7.44 0.18
N LEU B 161 -26.82 -8.24 -0.22
CA LEU B 161 -26.75 -9.69 -0.13
C LEU B 161 -27.11 -10.35 -1.45
N LEU B 162 -27.96 -9.68 -2.23
CA LEU B 162 -28.52 -10.18 -3.49
C LEU B 162 -27.46 -10.77 -4.42
N ILE B 163 -26.47 -9.94 -4.73
CA ILE B 163 -25.43 -10.30 -5.67
C ILE B 163 -24.52 -11.50 -5.21
N VAL B 164 -24.24 -11.58 -3.92
CA VAL B 164 -23.41 -12.69 -3.47
C VAL B 164 -24.21 -13.98 -3.45
N LEU B 165 -25.54 -13.90 -3.29
CA LEU B 165 -26.37 -15.09 -3.29
C LEU B 165 -26.68 -15.51 -4.72
N LEU B 166 -26.89 -14.53 -5.58
CA LEU B 166 -27.16 -14.79 -6.99
C LEU B 166 -26.03 -15.60 -7.60
N GLU B 167 -24.80 -15.29 -7.17
CA GLU B 167 -23.62 -15.91 -7.75
C GLU B 167 -23.14 -17.18 -7.04
N LYS B 168 -23.04 -17.14 -5.72
CA LYS B 168 -22.37 -18.22 -4.99
C LYS B 168 -23.30 -19.30 -4.40
N LEU B 169 -24.60 -19.05 -4.45
CA LEU B 169 -25.59 -20.05 -4.08
C LEU B 169 -25.74 -21.17 -5.12
N PRO B 170 -25.78 -20.83 -6.42
CA PRO B 170 -26.04 -21.89 -7.41
C PRO B 170 -25.21 -23.18 -7.27
N MET B 171 -23.89 -23.08 -7.13
CA MET B 171 -23.05 -24.27 -7.13
C MET B 171 -23.33 -25.19 -5.95
N VAL B 172 -23.92 -24.66 -4.89
CA VAL B 172 -24.33 -25.51 -3.79
C VAL B 172 -25.57 -26.27 -4.22
N THR B 173 -26.51 -25.54 -4.80
CA THR B 173 -27.72 -26.11 -5.38
C THR B 173 -27.43 -27.15 -6.46
N TYR B 174 -26.45 -26.87 -7.33
CA TYR B 174 -26.07 -27.83 -8.36
C TYR B 174 -25.57 -29.11 -7.73
N ARG B 175 -24.64 -28.97 -6.78
CA ARG B 175 -24.07 -30.15 -6.12
C ARG B 175 -25.17 -31.01 -5.51
N ASN B 176 -26.08 -30.37 -4.79
CA ASN B 176 -27.22 -31.07 -4.23
C ASN B 176 -28.05 -31.77 -5.30
N LEU B 177 -28.25 -31.10 -6.42
CA LEU B 177 -28.98 -31.69 -7.55
C LEU B 177 -28.26 -32.90 -8.12
N ILE B 178 -26.95 -32.75 -8.37
CA ILE B 178 -26.18 -33.80 -9.02
C ILE B 178 -25.96 -34.96 -8.06
N LYS B 179 -25.94 -34.67 -6.76
CA LYS B 179 -25.81 -35.74 -5.77
C LYS B 179 -27.04 -36.62 -5.77
N THR B 180 -28.20 -36.00 -5.87
CA THR B 180 -29.46 -36.74 -5.94
C THR B 180 -29.45 -37.66 -7.16
N VAL B 181 -29.07 -37.12 -8.31
CA VAL B 181 -28.91 -37.92 -9.52
C VAL B 181 -27.95 -39.09 -9.29
N ILE B 182 -26.74 -38.78 -8.83
CA ILE B 182 -25.73 -39.80 -8.60
C ILE B 182 -26.18 -40.84 -7.55
N LYS B 183 -27.01 -40.42 -6.59
CA LYS B 183 -27.40 -41.30 -5.51
C LYS B 183 -28.18 -42.47 -6.08
N SER B 184 -29.27 -42.17 -6.77
CA SER B 184 -30.14 -43.21 -7.28
C SER B 184 -29.66 -43.79 -8.61
N TRP B 185 -28.63 -43.21 -9.21
CA TRP B 185 -28.13 -43.72 -10.50
C TRP B 185 -26.84 -44.53 -10.37
N THR B 186 -26.05 -44.26 -9.33
CA THR B 186 -24.79 -44.95 -9.17
C THR B 186 -24.78 -45.85 -7.93
N THR B 187 -25.30 -45.34 -6.82
CA THR B 187 -25.26 -46.13 -5.60
C THR B 187 -26.45 -47.07 -5.48
N GLU B 188 -27.55 -46.76 -6.16
CA GLU B 188 -28.72 -47.63 -6.12
C GLU B 188 -28.84 -48.51 -7.37
N TRP B 189 -28.54 -47.97 -8.54
CA TRP B 189 -28.67 -48.74 -9.76
C TRP B 189 -27.31 -49.17 -10.30
N GLY B 190 -26.28 -48.97 -9.50
CA GLY B 190 -24.96 -49.52 -9.78
C GLY B 190 -24.25 -49.01 -11.04
N GLN B 191 -24.84 -48.02 -11.70
CA GLN B 191 -24.25 -47.44 -12.90
C GLN B 191 -23.40 -46.20 -12.60
N ASN B 192 -22.10 -46.31 -12.86
CA ASN B 192 -21.16 -45.25 -12.55
C ASN B 192 -20.87 -44.31 -13.72
N LYS B 193 -21.41 -44.62 -14.90
CA LYS B 193 -21.22 -43.74 -16.06
C LYS B 193 -22.46 -42.90 -16.32
N LEU B 194 -22.32 -41.58 -16.16
CA LEU B 194 -23.46 -40.67 -16.34
C LEU B 194 -23.43 -39.99 -17.71
N PRO B 195 -24.29 -40.42 -18.62
CA PRO B 195 -24.40 -39.76 -19.91
C PRO B 195 -24.90 -38.32 -19.77
N TYR B 196 -24.19 -37.38 -20.40
CA TYR B 196 -24.60 -35.96 -20.35
C TYR B 196 -26.08 -35.83 -20.66
N SER B 197 -26.58 -36.72 -21.51
CA SER B 197 -27.96 -36.66 -21.98
C SER B 197 -28.93 -36.81 -20.81
N LEU B 198 -28.54 -37.62 -19.83
CA LEU B 198 -29.32 -37.76 -18.61
C LEU B 198 -29.29 -36.45 -17.85
N ILE B 199 -28.09 -36.02 -17.48
CA ILE B 199 -27.88 -34.80 -16.71
C ILE B 199 -28.55 -33.57 -17.36
N GLU B 200 -28.51 -33.52 -18.69
CA GLU B 200 -29.22 -32.46 -19.43
C GLU B 200 -30.68 -32.42 -19.08
N ARG B 201 -31.30 -33.58 -18.93
CA ARG B 201 -32.73 -33.65 -18.68
C ARG B 201 -33.01 -33.19 -17.26
N VAL B 202 -32.12 -33.57 -16.35
CA VAL B 202 -32.20 -33.14 -14.95
C VAL B 202 -32.02 -31.63 -14.81
N LEU B 203 -30.95 -31.10 -15.40
CA LEU B 203 -30.72 -29.66 -15.43
C LEU B 203 -31.94 -28.86 -15.93
N GLN B 204 -32.58 -29.32 -17.00
CA GLN B 204 -33.76 -28.64 -17.54
C GLN B 204 -34.88 -28.59 -16.50
N LEU B 205 -35.11 -29.73 -15.86
CA LEU B 205 -36.14 -29.84 -14.84
C LEU B 205 -35.83 -28.86 -13.72
N SER B 206 -34.54 -28.72 -13.42
CA SER B 206 -34.09 -27.90 -12.31
C SER B 206 -34.06 -26.41 -12.62
N ILE B 207 -33.65 -26.07 -13.85
CA ILE B 207 -33.35 -24.68 -14.21
C ILE B 207 -34.56 -23.87 -14.68
N GLY B 208 -35.52 -24.51 -15.32
CA GLY B 208 -36.65 -23.77 -15.85
C GLY B 208 -36.19 -22.84 -16.96
N PRO B 209 -37.05 -21.92 -17.39
CA PRO B 209 -36.78 -21.06 -18.56
C PRO B 209 -35.51 -20.24 -18.46
N THR B 210 -34.87 -20.04 -19.61
CA THR B 210 -33.61 -19.32 -19.73
C THR B 210 -33.83 -18.16 -20.71
N PHE B 211 -32.97 -17.16 -20.68
CA PHE B 211 -32.99 -16.08 -21.68
C PHE B 211 -32.91 -16.58 -23.13
N GLU B 212 -33.78 -15.99 -23.96
CA GLU B 212 -33.95 -16.29 -25.38
C GLU B 212 -34.68 -17.61 -25.60
N ASP B 213 -35.44 -18.01 -24.60
CA ASP B 213 -36.37 -19.11 -24.76
C ASP B 213 -37.75 -18.52 -25.04
N PRO B 214 -38.69 -19.37 -25.50
CA PRO B 214 -40.04 -18.87 -25.78
C PRO B 214 -40.70 -18.27 -24.54
N GLY B 215 -41.10 -17.00 -24.64
CA GLY B 215 -41.73 -16.32 -23.52
C GLY B 215 -40.76 -15.67 -22.55
N ALA B 216 -39.47 -15.65 -22.88
CA ALA B 216 -38.46 -15.09 -22.01
C ALA B 216 -37.56 -14.14 -22.78
N GLN B 217 -38.03 -12.96 -23.15
CA GLN B 217 -37.31 -12.34 -24.26
C GLN B 217 -36.40 -11.23 -23.72
N GLU B 218 -36.62 -10.77 -22.49
CA GLU B 218 -35.70 -9.79 -21.90
C GLU B 218 -34.81 -10.44 -20.88
N ILE B 219 -33.53 -10.05 -20.87
CA ILE B 219 -32.63 -10.62 -19.84
C ILE B 219 -33.14 -10.25 -18.45
N THR B 220 -32.92 -11.14 -17.49
CA THR B 220 -32.91 -10.74 -16.09
C THR B 220 -31.70 -11.45 -15.50
N ILE B 221 -31.34 -11.10 -14.27
CA ILE B 221 -30.32 -11.86 -13.56
C ILE B 221 -30.91 -13.19 -13.13
N TYR B 222 -32.19 -13.38 -13.43
CA TYR B 222 -32.90 -14.57 -12.99
C TYR B 222 -33.05 -15.60 -14.11
N ASN B 223 -32.85 -15.19 -15.37
CA ASN B 223 -32.87 -16.17 -16.46
C ASN B 223 -31.67 -16.12 -17.41
N GLY B 224 -30.72 -15.23 -17.15
CA GLY B 224 -29.65 -15.06 -18.10
C GLY B 224 -28.34 -15.74 -17.75
N ILE B 225 -28.35 -16.58 -16.71
CA ILE B 225 -27.11 -17.20 -16.28
C ILE B 225 -27.15 -18.73 -16.38
N HIS B 226 -28.29 -19.33 -16.07
CA HIS B 226 -28.39 -20.78 -16.05
C HIS B 226 -29.14 -21.36 -17.25
N SER B 227 -28.43 -22.19 -18.02
CA SER B 227 -29.04 -22.91 -19.13
C SER B 227 -28.76 -24.39 -19.00
N PRO B 228 -29.77 -25.24 -19.22
CA PRO B 228 -29.53 -26.68 -19.14
C PRO B 228 -28.70 -27.10 -20.34
N LYS B 229 -28.46 -26.15 -21.23
CA LYS B 229 -27.69 -26.42 -22.41
C LYS B 229 -26.21 -26.68 -22.07
N ASN B 230 -25.69 -26.27 -20.92
CA ASN B 230 -24.25 -26.48 -20.82
C ASN B 230 -23.92 -27.38 -19.64
N VAL B 231 -24.47 -28.59 -19.78
CA VAL B 231 -24.16 -29.73 -18.92
C VAL B 231 -22.71 -29.84 -18.56
N GLU B 232 -21.84 -29.90 -19.55
CA GLU B 232 -20.44 -30.16 -19.25
C GLU B 232 -19.88 -29.09 -18.33
N ASN B 233 -20.32 -27.84 -18.52
CA ASN B 233 -19.69 -26.73 -17.83
C ASN B 233 -19.96 -26.83 -16.34
N VAL B 234 -21.21 -27.16 -15.97
CA VAL B 234 -21.57 -27.21 -14.57
C VAL B 234 -20.87 -28.39 -13.91
N LEU B 235 -20.74 -29.50 -14.64
CA LEU B 235 -20.03 -30.65 -14.11
C LEU B 235 -18.54 -30.33 -13.95
N VAL B 236 -17.97 -29.62 -14.93
CA VAL B 236 -16.57 -29.19 -14.83
C VAL B 236 -16.34 -28.30 -13.60
N THR B 237 -17.21 -27.32 -13.38
CA THR B 237 -17.00 -26.40 -12.25
C THR B 237 -17.13 -27.12 -10.92
N LEU B 238 -18.18 -27.93 -10.77
CA LEU B 238 -18.36 -28.74 -9.55
C LEU B 238 -17.11 -29.55 -9.25
N ILE B 239 -16.61 -30.26 -10.25
CA ILE B 239 -15.41 -31.07 -10.11
C ILE B 239 -14.22 -30.19 -9.71
N ASN B 240 -14.15 -28.99 -10.26
CA ASN B 240 -13.04 -28.08 -9.98
C ASN B 240 -13.11 -27.44 -8.60
N LEU B 241 -14.33 -27.27 -8.09
CA LEU B 241 -14.55 -26.69 -6.78
C LEU B 241 -14.33 -27.71 -5.65
N GLY B 242 -14.14 -28.97 -6.02
CA GLY B 242 -13.91 -30.02 -5.03
C GLY B 242 -15.21 -30.65 -4.53
N LEU B 243 -16.34 -30.11 -4.99
CA LEU B 243 -17.65 -30.56 -4.55
C LEU B 243 -18.00 -31.93 -5.12
N LEU B 244 -17.48 -32.20 -6.32
CA LEU B 244 -17.72 -33.47 -6.98
C LEU B 244 -16.39 -34.12 -7.30
N ARG B 245 -16.34 -35.44 -7.14
CA ARG B 245 -15.19 -36.21 -7.53
C ARG B 245 -15.55 -37.05 -8.74
N ALA B 246 -15.10 -36.62 -9.92
CA ALA B 246 -15.33 -37.40 -11.14
C ALA B 246 -14.42 -36.97 -12.28
N ASN B 247 -14.67 -37.57 -13.45
CA ASN B 247 -13.98 -37.21 -14.67
C ASN B 247 -14.98 -36.91 -15.79
N CYS B 248 -14.60 -36.00 -16.67
CA CYS B 248 -15.42 -35.72 -17.84
C CYS B 248 -14.82 -36.36 -19.08
N PHE B 249 -15.70 -36.85 -19.95
CA PHE B 249 -15.30 -37.39 -21.23
C PHE B 249 -16.08 -36.65 -22.31
N PRO B 250 -15.49 -35.55 -22.83
CA PRO B 250 -16.11 -34.68 -23.83
C PRO B 250 -16.55 -35.42 -25.09
N GLN B 251 -15.71 -36.31 -25.59
CA GLN B 251 -15.97 -36.99 -26.85
C GLN B 251 -16.96 -38.14 -26.70
N LEU B 252 -16.84 -38.88 -25.60
CA LEU B 252 -17.79 -39.95 -25.28
C LEU B 252 -19.04 -39.39 -24.62
N GLN B 253 -18.99 -38.10 -24.26
CA GLN B 253 -20.13 -37.41 -23.67
C GLN B 253 -20.73 -38.12 -22.45
N LEU B 254 -19.91 -38.27 -21.41
CA LEU B 254 -20.40 -38.84 -20.17
C LEU B 254 -19.46 -38.56 -18.99
N CYS B 255 -20.06 -38.46 -17.82
CA CYS B 255 -19.34 -38.24 -16.58
C CYS B 255 -19.17 -39.56 -15.86
N VAL B 256 -17.96 -39.87 -15.43
CA VAL B 256 -17.72 -41.12 -14.71
C VAL B 256 -17.28 -40.93 -13.27
N VAL B 257 -18.08 -41.46 -12.36
CA VAL B 257 -17.79 -41.44 -10.94
C VAL B 257 -17.21 -42.78 -10.56
N LYS B 258 -16.53 -42.84 -9.42
CA LYS B 258 -16.01 -44.11 -8.89
C LYS B 258 -17.15 -45.08 -8.57
N LYS B 259 -16.90 -46.38 -8.71
CA LYS B 259 -17.91 -47.40 -8.45
C LYS B 259 -17.98 -47.65 -6.94
N THR B 260 -19.09 -47.24 -6.30
CA THR B 260 -19.17 -47.21 -4.83
C THR B 260 -20.64 -47.17 -4.37
N THR B 261 -20.89 -47.54 -3.12
CA THR B 261 -22.22 -47.38 -2.53
C THR B 261 -22.19 -46.22 -1.51
N MET B 262 -20.99 -45.88 -1.07
CA MET B 262 -20.77 -44.74 -0.18
C MET B 262 -20.74 -43.43 -0.98
N ILE B 263 -21.90 -42.78 -1.13
CA ILE B 263 -21.99 -41.55 -1.91
C ILE B 263 -21.03 -40.46 -1.42
N GLN B 264 -20.74 -40.47 -0.13
CA GLN B 264 -19.80 -39.54 0.49
C GLN B 264 -18.45 -39.51 -0.22
N GLU B 265 -18.11 -40.60 -0.92
CA GLU B 265 -16.81 -40.70 -1.58
C GLU B 265 -16.75 -39.96 -2.90
N ILE B 266 -17.88 -39.77 -3.56
CA ILE B 266 -17.87 -39.06 -4.83
C ILE B 266 -18.38 -37.63 -4.66
N VAL B 267 -19.36 -37.47 -3.77
CA VAL B 267 -19.88 -36.15 -3.45
C VAL B 267 -19.65 -35.84 -1.97
N PRO B 268 -18.46 -35.31 -1.63
CA PRO B 268 -18.13 -35.02 -0.23
C PRO B 268 -19.06 -33.98 0.38
N PRO B 269 -19.08 -33.88 1.71
CA PRO B 269 -19.90 -32.84 2.35
C PRO B 269 -19.36 -31.47 1.98
N VAL B 270 -20.25 -30.55 1.62
CA VAL B 270 -19.85 -29.31 0.96
C VAL B 270 -19.01 -28.35 1.82
N ASN B 271 -19.47 -27.99 3.02
CA ASN B 271 -18.71 -27.06 3.89
C ASN B 271 -17.25 -27.46 4.10
N GLU B 272 -17.05 -28.76 4.30
CA GLU B 272 -15.71 -29.29 4.53
C GLU B 272 -14.83 -28.99 3.34
N ARG B 273 -15.36 -29.18 2.13
CA ARG B 273 -14.60 -28.94 0.92
C ARG B 273 -14.33 -27.46 0.71
N ILE B 274 -15.38 -26.65 0.76
CA ILE B 274 -15.26 -25.21 0.53
C ILE B 274 -14.22 -24.56 1.45
N THR B 275 -14.30 -24.85 2.74
CA THR B 275 -13.37 -24.26 3.69
C THR B 275 -11.94 -24.78 3.49
N LYS B 276 -11.80 -25.98 2.95
CA LYS B 276 -10.46 -26.50 2.69
C LYS B 276 -9.79 -25.66 1.62
N MET B 277 -10.57 -25.26 0.62
CA MET B 277 -10.04 -24.50 -0.50
C MET B 277 -10.03 -23.02 -0.14
N PHE B 278 -10.76 -22.65 0.90
CA PHE B 278 -10.83 -21.27 1.33
C PHE B 278 -10.67 -21.15 2.84
N PRO B 279 -9.45 -21.41 3.34
CA PRO B 279 -9.18 -21.34 4.77
C PRO B 279 -9.41 -19.94 5.32
N ALA B 280 -9.87 -19.87 6.56
CA ALA B 280 -10.09 -18.58 7.22
C ALA B 280 -9.56 -18.66 8.64
N HIS B 281 -9.49 -17.50 9.29
CA HIS B 281 -8.89 -17.41 10.61
C HIS B 281 -9.63 -16.40 11.48
N SER B 282 -10.19 -16.90 12.57
CA SER B 282 -10.86 -16.07 13.57
C SER B 282 -9.93 -14.96 14.11
N HIS B 283 -8.67 -15.30 14.35
CA HIS B 283 -7.72 -14.35 14.95
C HIS B 283 -7.08 -13.46 13.90
N VAL B 284 -7.86 -13.06 12.90
CA VAL B 284 -7.42 -12.04 11.96
C VAL B 284 -8.47 -10.96 11.91
N LEU B 285 -8.13 -9.79 12.45
CA LEU B 285 -9.09 -8.71 12.58
C LEU B 285 -9.00 -7.70 11.43
N TRP B 286 -8.62 -8.15 10.25
CA TRP B 286 -8.45 -7.24 9.12
C TRP B 286 -8.53 -7.98 7.78
N GLU C 1 -29.87 -0.11 6.06
CA GLU C 1 -30.48 0.99 6.79
C GLU C 1 -29.61 1.42 7.97
N GLU C 2 -30.10 2.40 8.71
CA GLU C 2 -29.48 2.82 9.96
C GLU C 2 -29.89 1.84 11.05
N ASP C 3 -30.89 1.01 10.72
CA ASP C 3 -31.40 -0.04 11.61
C ASP C 3 -30.73 -1.35 11.23
N ASP C 4 -29.40 -1.31 11.18
CA ASP C 4 -28.57 -2.46 10.87
C ASP C 4 -27.37 -2.26 11.76
N GLU C 5 -27.41 -1.10 12.41
CA GLU C 5 -26.39 -0.59 13.30
C GLU C 5 -26.68 -0.98 14.74
N PHE C 6 -25.75 -1.69 15.37
CA PHE C 6 -25.91 -2.18 16.73
C PHE C 6 -26.42 -1.11 17.71
N GLU C 7 -27.44 -1.48 18.48
CA GLU C 7 -27.92 -0.63 19.57
C GLU C 7 -26.91 -0.60 20.68
N ASP C 8 -26.96 0.44 21.51
CA ASP C 8 -26.13 0.52 22.69
C ASP C 8 -26.41 -0.67 23.60
N PHE C 9 -25.36 -1.38 24.00
CA PHE C 9 -25.47 -2.47 24.95
C PHE C 9 -25.74 -1.97 26.37
N PRO C 10 -26.37 -2.80 27.22
CA PRO C 10 -26.46 -2.43 28.64
C PRO C 10 -25.09 -2.52 29.29
N ILE C 11 -25.01 -2.34 30.61
CA ILE C 11 -23.70 -2.36 31.27
C ILE C 11 -23.63 -3.39 32.40
N ASP C 12 -22.40 -3.85 32.68
CA ASP C 12 -22.11 -4.77 33.77
C ASP C 12 -20.61 -4.70 34.11
N ALA C 24 -16.97 -18.86 26.81
CA ALA C 24 -16.75 -19.85 27.87
C ALA C 24 -17.78 -20.98 27.83
N VAL C 25 -19.04 -20.65 27.59
CA VAL C 25 -20.10 -21.64 27.67
C VAL C 25 -20.25 -22.38 26.30
N THR C 26 -19.21 -22.27 25.46
CA THR C 26 -18.99 -23.11 24.27
C THR C 26 -20.22 -23.42 23.44
N GLN C 27 -20.65 -24.67 23.59
CA GLN C 27 -21.90 -25.30 23.11
C GLN C 27 -22.80 -24.46 22.18
N THR C 28 -24.11 -24.44 22.45
CA THR C 28 -25.16 -23.92 21.56
C THR C 28 -24.80 -24.11 20.11
N ASN C 29 -24.48 -25.34 19.71
CA ASN C 29 -24.19 -25.61 18.32
C ASN C 29 -25.41 -25.21 17.51
N ILE C 30 -25.20 -24.27 16.61
CA ILE C 30 -26.29 -23.57 15.96
C ILE C 30 -26.47 -24.07 14.52
N TRP C 31 -25.55 -24.94 14.11
CA TRP C 31 -25.55 -25.45 12.75
C TRP C 31 -26.02 -26.90 12.64
N GLU C 32 -26.65 -27.19 11.51
CA GLU C 32 -27.10 -28.54 11.19
C GLU C 32 -25.95 -29.36 10.65
N GLU C 33 -25.94 -30.64 10.99
CA GLU C 33 -24.83 -31.52 10.67
C GLU C 33 -24.89 -32.00 9.21
N ASN C 34 -26.11 -32.07 8.67
CA ASN C 34 -26.35 -32.69 7.38
C ASN C 34 -27.56 -32.09 6.64
N TRP C 35 -27.72 -32.43 5.36
CA TRP C 35 -28.75 -31.83 4.53
C TRP C 35 -30.13 -32.46 4.68
N ASP C 36 -30.18 -33.72 5.12
CA ASP C 36 -31.47 -34.31 5.45
C ASP C 36 -31.99 -33.57 6.70
N ASP C 37 -33.22 -33.91 7.10
CA ASP C 37 -33.99 -33.26 8.20
C ASP C 37 -34.85 -32.13 7.61
N VAL C 38 -34.82 -31.99 6.29
CA VAL C 38 -35.50 -30.86 5.64
C VAL C 38 -36.88 -31.27 5.10
N GLU C 39 -37.81 -30.30 5.11
CA GLU C 39 -39.12 -30.38 4.44
C GLU C 39 -39.10 -31.26 3.21
N VAL C 40 -40.19 -31.97 2.94
CA VAL C 40 -40.30 -32.65 1.66
C VAL C 40 -40.90 -31.69 0.64
N ASP C 41 -40.41 -31.76 -0.60
CA ASP C 41 -40.94 -30.89 -1.66
C ASP C 41 -41.32 -31.77 -2.83
N ASP C 42 -42.07 -32.83 -2.52
CA ASP C 42 -42.89 -33.59 -3.46
C ASP C 42 -42.71 -33.23 -4.93
N ASP C 43 -43.27 -32.07 -5.25
CA ASP C 43 -43.49 -31.62 -6.62
C ASP C 43 -42.21 -31.33 -7.39
N PHE C 44 -41.07 -31.38 -6.70
CA PHE C 44 -39.81 -31.28 -7.38
C PHE C 44 -39.11 -32.62 -7.23
N THR C 45 -39.10 -33.15 -6.02
CA THR C 45 -38.50 -34.46 -5.82
C THR C 45 -39.20 -35.58 -6.59
N ASN C 46 -40.52 -35.61 -6.70
CA ASN C 46 -41.01 -36.80 -7.38
C ASN C 46 -40.92 -36.53 -8.88
N GLU C 47 -40.87 -35.26 -9.29
CA GLU C 47 -40.63 -34.94 -10.70
C GLU C 47 -39.23 -35.35 -11.11
N LEU C 48 -38.29 -35.17 -10.19
CA LEU C 48 -36.92 -35.53 -10.47
C LEU C 48 -36.77 -37.04 -10.50
N LYS C 49 -37.45 -37.75 -9.58
CA LYS C 49 -37.40 -39.21 -9.59
C LYS C 49 -38.10 -39.76 -10.82
N ALA C 50 -39.24 -39.15 -11.14
CA ALA C 50 -39.98 -39.51 -12.35
C ALA C 50 -39.06 -39.48 -13.55
N GLU C 51 -38.30 -38.39 -13.66
CA GLU C 51 -37.35 -38.22 -14.75
C GLU C 51 -36.26 -39.28 -14.72
N LEU C 52 -35.69 -39.52 -13.55
CA LEU C 52 -34.64 -40.51 -13.41
C LEU C 52 -35.11 -41.92 -13.74
N ASP C 53 -36.39 -42.22 -13.52
CA ASP C 53 -36.93 -43.55 -13.83
C ASP C 53 -37.11 -43.72 -15.32
N ARG C 54 -37.81 -42.78 -15.93
CA ARG C 54 -38.11 -42.84 -17.37
C ARG C 54 -36.79 -42.94 -18.10
N TYR C 55 -35.76 -42.30 -17.58
CA TYR C 55 -34.44 -42.45 -18.19
C TYR C 55 -33.91 -43.85 -17.94
N LYS C 56 -33.98 -44.33 -16.71
CA LYS C 56 -33.54 -45.69 -16.44
C LYS C 56 -34.36 -46.65 -17.28
N ARG C 57 -35.68 -46.53 -17.24
CA ARG C 57 -36.56 -47.45 -17.98
C ARG C 57 -36.32 -47.48 -19.50
N GLU C 58 -36.03 -46.32 -20.09
CA GLU C 58 -35.76 -46.27 -21.52
C GLU C 58 -34.26 -46.49 -21.77
N ASN C 59 -33.53 -45.44 -22.11
CA ASN C 59 -32.08 -45.52 -22.37
C ASN C 59 -31.29 -46.61 -21.62
N GLN C 60 -30.81 -47.64 -22.32
CA GLN C 60 -30.08 -48.71 -21.64
C GLN C 60 -28.96 -49.29 -22.49
N SER D 1 12.63 -32.47 16.14
CA SER D 1 11.73 -33.22 17.00
C SER D 1 11.77 -32.76 18.45
N ASP D 2 12.96 -32.57 19.01
CA ASP D 2 13.06 -31.99 20.34
C ASP D 2 13.66 -30.58 20.25
N VAL D 3 13.47 -29.77 21.29
CA VAL D 3 14.04 -28.44 21.34
C VAL D 3 14.97 -28.34 22.55
N ARG D 4 16.25 -28.38 22.21
CA ARG D 4 17.33 -28.29 23.18
C ARG D 4 17.19 -27.08 24.11
N PRO D 5 17.55 -27.25 25.39
CA PRO D 5 17.45 -26.20 26.42
C PRO D 5 18.46 -25.05 26.23
N PRO D 6 18.25 -23.92 26.93
CA PRO D 6 19.18 -22.77 26.83
C PRO D 6 20.59 -23.12 27.25
N HIS D 7 20.70 -23.97 28.25
CA HIS D 7 21.96 -24.36 28.85
C HIS D 7 22.94 -24.93 27.82
N ILE D 8 22.43 -25.73 26.88
CA ILE D 8 23.28 -26.35 25.88
C ILE D 8 23.25 -25.57 24.56
N LEU D 9 22.18 -24.81 24.32
CA LEU D 9 22.09 -23.95 23.15
C LEU D 9 23.25 -22.96 23.12
N VAL D 10 23.64 -22.51 24.30
CA VAL D 10 24.78 -21.60 24.44
C VAL D 10 26.07 -22.26 23.98
N LYS D 11 26.34 -23.47 24.46
CA LYS D 11 27.64 -24.13 24.22
C LYS D 11 27.77 -24.70 22.81
N THR D 12 26.63 -24.98 22.17
CA THR D 12 26.60 -25.19 20.73
C THR D 12 27.26 -24.01 20.04
N LEU D 13 26.87 -22.81 20.48
CA LEU D 13 27.42 -21.59 19.93
C LEU D 13 28.88 -21.45 20.34
N ASP D 14 29.16 -21.67 21.62
CA ASP D 14 30.51 -21.59 22.14
C ASP D 14 31.46 -22.42 21.29
N TYR D 15 31.02 -23.59 20.87
CA TYR D 15 31.85 -24.40 20.00
C TYR D 15 31.95 -23.70 18.64
N ILE D 16 30.83 -23.18 18.14
CA ILE D 16 30.79 -22.55 16.82
C ILE D 16 31.73 -21.35 16.73
N VAL D 17 31.80 -20.56 17.78
CA VAL D 17 32.72 -19.43 17.79
C VAL D 17 34.17 -19.88 17.95
N ASP D 18 34.42 -20.73 18.95
CA ASP D 18 35.77 -21.17 19.29
C ASP D 18 36.48 -21.95 18.19
N ASN D 19 35.71 -22.61 17.32
CA ASN D 19 36.28 -23.62 16.42
C ASN D 19 35.88 -23.54 14.95
N LEU D 20 34.83 -22.81 14.62
CA LEU D 20 34.38 -22.82 13.22
C LEU D 20 34.45 -21.48 12.49
N LEU D 21 34.80 -20.42 13.20
CA LEU D 21 34.91 -19.10 12.58
C LEU D 21 36.13 -18.99 11.67
N THR D 22 37.09 -19.89 11.84
CA THR D 22 38.30 -19.89 11.02
C THR D 22 38.00 -20.33 9.60
N THR D 23 37.10 -21.30 9.45
CA THR D 23 36.73 -21.82 8.14
C THR D 23 35.70 -20.92 7.45
N LEU D 24 35.33 -19.84 8.14
CA LEU D 24 34.20 -18.98 7.75
C LEU D 24 34.12 -18.49 6.30
N PRO D 25 35.26 -18.26 5.61
CA PRO D 25 35.08 -17.83 4.22
C PRO D 25 34.24 -18.79 3.37
N GLU D 26 34.19 -20.07 3.71
CA GLU D 26 33.43 -21.07 2.95
C GLU D 26 32.33 -21.71 3.78
N SER D 27 32.58 -21.85 5.09
CA SER D 27 31.62 -22.46 6.00
C SER D 27 30.45 -21.52 6.33
N GLU D 28 30.16 -20.61 5.43
CA GLU D 28 29.13 -19.59 5.66
C GLU D 28 27.74 -20.22 5.71
N GLY D 29 27.30 -20.80 4.59
CA GLY D 29 26.01 -21.46 4.50
C GLY D 29 25.74 -22.38 5.67
N PHE D 30 26.78 -23.09 6.11
CA PHE D 30 26.67 -23.98 7.25
C PHE D 30 26.47 -23.19 8.54
N LEU D 31 27.41 -22.30 8.85
CA LEU D 31 27.33 -21.51 10.08
C LEU D 31 26.07 -20.65 10.14
N TRP D 32 25.48 -20.41 8.97
CA TRP D 32 24.21 -19.69 8.89
C TRP D 32 23.10 -20.53 9.50
N ASP D 33 22.87 -21.70 8.91
CA ASP D 33 21.80 -22.61 9.34
C ASP D 33 21.89 -22.93 10.82
N ARG D 34 23.12 -23.01 11.31
CA ARG D 34 23.35 -23.46 12.68
C ARG D 34 23.08 -22.35 13.68
N MET D 35 23.08 -21.12 13.17
CA MET D 35 22.73 -19.96 13.96
C MET D 35 21.23 -19.68 13.86
N ARG D 36 20.66 -19.87 12.67
CA ARG D 36 19.20 -19.78 12.51
C ARG D 36 18.53 -20.79 13.44
N SER D 37 19.07 -22.01 13.44
CA SER D 37 18.61 -23.07 14.33
C SER D 37 18.54 -22.60 15.77
N ILE D 38 19.69 -22.22 16.33
CA ILE D 38 19.78 -21.73 17.70
C ILE D 38 18.77 -20.62 18.01
N ARG D 39 18.60 -19.71 17.06
CA ARG D 39 17.66 -18.62 17.25
C ARG D 39 16.23 -19.18 17.38
N GLN D 40 15.78 -19.90 16.37
CA GLN D 40 14.43 -20.47 16.35
C GLN D 40 14.14 -21.34 17.57
N ASP D 41 15.04 -22.27 17.89
CA ASP D 41 14.91 -23.12 19.07
C ASP D 41 14.63 -22.29 20.33
N PHE D 42 15.32 -21.16 20.45
CA PHE D 42 15.14 -20.28 21.58
C PHE D 42 13.71 -19.72 21.65
N THR D 43 13.14 -19.34 20.50
CA THR D 43 11.83 -18.69 20.49
C THR D 43 10.68 -19.70 20.48
N TYR D 44 10.98 -20.96 20.17
CA TYR D 44 9.96 -22.00 20.24
C TYR D 44 9.66 -22.29 21.72
N GLN D 45 10.70 -22.17 22.55
CA GLN D 45 10.56 -22.10 24.03
C GLN D 45 9.84 -20.93 24.72
N ASN D 46 9.63 -19.81 24.03
CA ASN D 46 9.17 -18.58 24.70
C ASN D 46 10.16 -18.11 25.77
N TYR D 47 11.41 -18.53 25.65
CA TYR D 47 12.43 -18.18 26.62
C TYR D 47 13.28 -17.00 26.14
N SER D 48 13.19 -15.89 26.85
CA SER D 48 13.92 -14.68 26.51
C SER D 48 14.71 -14.16 27.72
N GLY D 49 15.58 -15.00 28.26
CA GLY D 49 16.42 -14.64 29.38
C GLY D 49 17.87 -14.43 28.96
N PRO D 50 18.76 -14.21 29.94
CA PRO D 50 20.19 -13.92 29.75
C PRO D 50 20.90 -14.81 28.72
N GLU D 51 20.31 -15.96 28.40
CA GLU D 51 20.87 -16.85 27.37
C GLU D 51 20.42 -16.39 25.99
N ALA D 52 19.10 -16.26 25.84
CA ALA D 52 18.49 -15.79 24.60
C ALA D 52 19.15 -14.51 24.13
N VAL D 53 19.41 -13.61 25.08
CA VAL D 53 20.14 -12.39 24.81
C VAL D 53 21.54 -12.72 24.29
N ASP D 54 22.39 -13.21 25.17
CA ASP D 54 23.80 -13.49 24.88
C ASP D 54 24.02 -14.16 23.53
N CYS D 55 23.35 -15.29 23.30
CA CYS D 55 23.46 -15.99 22.02
C CYS D 55 23.01 -15.11 20.87
N ASN D 56 21.86 -14.47 21.00
CA ASN D 56 21.36 -13.60 19.93
C ASN D 56 22.34 -12.46 19.66
N GLU D 57 22.83 -11.83 20.73
CA GLU D 57 23.84 -10.78 20.64
C GLU D 57 25.05 -11.23 19.83
N ARG D 58 25.69 -12.32 20.26
CA ARG D 58 26.85 -12.85 19.57
C ARG D 58 26.55 -13.22 18.12
N ILE D 59 25.34 -13.68 17.86
CA ILE D 59 24.93 -14.02 16.50
C ILE D 59 24.86 -12.78 15.60
N VAL D 60 24.44 -11.65 16.16
CA VAL D 60 24.50 -10.37 15.45
C VAL D 60 25.94 -10.06 15.02
N ARG D 61 26.82 -10.03 16.02
CA ARG D 61 28.24 -9.83 15.79
C ARG D 61 28.77 -10.77 14.73
N ILE D 62 28.53 -12.06 14.92
CA ILE D 62 29.02 -13.06 13.97
C ILE D 62 28.54 -12.68 12.57
N HIS D 63 27.26 -12.37 12.45
CA HIS D 63 26.68 -11.95 11.17
C HIS D 63 27.42 -10.75 10.59
N LEU D 64 27.81 -9.81 11.45
CA LEU D 64 28.57 -8.64 10.98
C LEU D 64 29.91 -9.05 10.39
N LEU D 65 30.63 -9.88 11.14
CA LEU D 65 31.93 -10.38 10.69
C LEU D 65 31.77 -11.17 9.39
N ILE D 66 30.64 -11.85 9.23
CA ILE D 66 30.39 -12.60 8.00
C ILE D 66 30.19 -11.63 6.83
N LEU D 67 29.76 -10.40 7.12
CA LEU D 67 29.56 -9.41 6.06
C LEU D 67 30.87 -8.96 5.43
N HIS D 68 31.85 -8.62 6.27
CA HIS D 68 33.15 -8.18 5.82
C HIS D 68 33.86 -9.25 5.01
N ILE D 69 33.98 -10.43 5.62
CA ILE D 69 34.72 -11.57 5.09
C ILE D 69 34.30 -12.00 3.70
N MET D 70 33.00 -12.20 3.53
CA MET D 70 32.46 -12.61 2.24
C MET D 70 32.79 -11.59 1.16
N VAL D 71 32.94 -10.33 1.57
CA VAL D 71 33.20 -9.27 0.61
C VAL D 71 34.68 -9.17 0.18
N LYS D 72 35.61 -9.45 1.09
CA LYS D 72 37.04 -9.36 0.74
C LYS D 72 37.42 -10.49 -0.22
N SER D 73 37.21 -11.76 0.17
CA SER D 73 37.17 -12.86 -0.78
C SER D 73 36.05 -12.53 -1.76
N ASN D 74 36.02 -13.07 -2.97
CA ASN D 74 34.75 -12.89 -3.65
C ASN D 74 34.10 -14.23 -3.83
N VAL D 75 33.92 -14.88 -2.69
CA VAL D 75 32.91 -15.91 -2.54
C VAL D 75 31.56 -15.19 -2.58
N GLU D 76 30.94 -15.15 -3.75
CA GLU D 76 29.66 -14.48 -3.88
C GLU D 76 28.59 -15.32 -3.18
N PHE D 77 27.98 -14.71 -2.17
CA PHE D 77 27.02 -15.41 -1.36
C PHE D 77 25.65 -14.76 -1.50
N SER D 78 24.78 -15.18 -0.59
CA SER D 78 23.43 -14.66 -0.50
C SER D 78 23.43 -13.13 -0.42
N LEU D 79 22.87 -12.52 -1.44
CA LEU D 79 22.60 -11.09 -1.49
C LEU D 79 22.13 -10.61 -0.15
N GLN D 80 20.85 -10.92 0.06
CA GLN D 80 20.08 -10.38 1.16
C GLN D 80 20.18 -11.19 2.45
N GLN D 81 20.27 -12.51 2.33
CA GLN D 81 20.15 -13.46 3.45
C GLN D 81 20.96 -13.18 4.73
N GLU D 82 22.13 -12.57 4.63
CA GLU D 82 22.88 -12.25 5.86
C GLU D 82 22.18 -11.13 6.63
N LEU D 83 21.69 -10.14 5.88
CA LEU D 83 21.18 -8.91 6.48
C LEU D 83 19.86 -8.97 7.23
N GLU D 84 18.84 -9.65 6.69
CA GLU D 84 17.51 -9.55 7.31
C GLU D 84 17.40 -10.52 8.49
N GLN D 85 18.16 -11.62 8.44
CA GLN D 85 18.24 -12.52 9.58
C GLN D 85 19.00 -11.84 10.68
N LEU D 86 19.81 -10.87 10.27
CA LEU D 86 20.44 -9.94 11.19
C LEU D 86 19.37 -9.06 11.84
N HIS D 87 18.29 -8.77 11.10
CA HIS D 87 17.23 -7.92 11.64
C HIS D 87 16.30 -8.69 12.55
N LYS D 88 15.99 -9.94 12.22
CA LYS D 88 15.08 -10.69 13.08
C LYS D 88 15.72 -10.98 14.45
N SER D 89 17.05 -11.02 14.54
CA SER D 89 17.69 -11.15 15.84
C SER D 89 17.78 -9.76 16.49
N LEU D 90 17.73 -8.71 15.67
CA LEU D 90 17.75 -7.35 16.19
C LEU D 90 16.37 -6.95 16.67
N ILE D 91 15.36 -7.12 15.83
CA ILE D 91 14.01 -6.77 16.21
C ILE D 91 13.58 -7.58 17.44
N THR D 92 14.11 -8.79 17.60
CA THR D 92 13.82 -9.58 18.79
C THR D 92 14.62 -9.05 19.97
N LEU D 93 15.94 -8.90 19.78
CA LEU D 93 16.80 -8.28 20.79
C LEU D 93 16.15 -6.98 21.28
N SER D 94 15.67 -6.19 20.33
CA SER D 94 14.96 -4.95 20.63
C SER D 94 13.86 -5.12 21.67
N GLU D 95 12.77 -5.83 21.29
CA GLU D 95 11.61 -5.95 22.18
C GLU D 95 11.93 -6.74 23.45
N ILE D 96 12.97 -7.59 23.38
CA ILE D 96 13.48 -8.23 24.59
C ILE D 96 13.98 -7.19 25.58
N TYR D 97 14.90 -6.33 25.12
CA TYR D 97 15.43 -5.21 25.91
C TYR D 97 14.30 -4.37 26.51
N ASP D 98 13.27 -4.12 25.72
CA ASP D 98 12.13 -3.32 26.15
C ASP D 98 11.47 -3.91 27.39
N ASP D 99 11.14 -5.20 27.32
CA ASP D 99 10.48 -5.89 28.44
C ASP D 99 11.33 -5.87 29.70
N VAL D 100 12.60 -6.24 29.55
CA VAL D 100 13.58 -6.18 30.65
C VAL D 100 13.50 -4.85 31.37
N ARG D 101 13.31 -3.77 30.61
CA ARG D 101 13.18 -2.43 31.19
C ARG D 101 11.88 -2.31 31.97
N SER D 102 10.76 -2.53 31.30
CA SER D 102 9.45 -2.43 31.92
C SER D 102 9.22 -3.50 32.99
N SER D 103 10.27 -4.29 33.25
CA SER D 103 10.25 -5.29 34.31
C SER D 103 11.37 -5.02 35.29
N GLY D 104 11.91 -3.81 35.25
CA GLY D 104 12.90 -3.36 36.23
C GLY D 104 14.34 -3.80 36.01
N GLY D 105 14.59 -4.54 34.94
CA GLY D 105 15.91 -5.06 34.67
C GLY D 105 16.73 -4.26 33.67
N THR D 106 17.95 -4.75 33.40
CA THR D 106 18.86 -4.10 32.46
C THR D 106 19.79 -5.10 31.75
N CYS D 107 20.11 -4.83 30.49
CA CYS D 107 21.03 -5.68 29.75
C CYS D 107 22.31 -4.92 29.37
N PRO D 108 23.45 -5.36 29.93
CA PRO D 108 24.77 -4.72 29.83
C PRO D 108 25.25 -4.37 28.42
N ASN D 109 24.51 -4.73 27.38
CA ASN D 109 24.96 -4.45 26.02
C ASN D 109 23.90 -3.84 25.11
N GLU D 110 22.84 -3.29 25.69
CA GLU D 110 21.74 -2.73 24.91
C GLU D 110 22.26 -1.65 23.96
N ALA D 111 23.00 -0.70 24.55
CA ALA D 111 23.60 0.42 23.81
C ALA D 111 24.26 -0.03 22.52
N GLU D 112 25.09 -1.07 22.64
CA GLU D 112 25.82 -1.62 21.51
C GLU D 112 24.93 -2.05 20.35
N PHE D 113 23.80 -2.68 20.67
CA PHE D 113 22.96 -3.24 19.63
C PHE D 113 21.84 -2.28 19.24
N ARG D 114 21.59 -1.31 20.12
CA ARG D 114 20.76 -0.18 19.73
C ARG D 114 21.48 0.55 18.61
N ALA D 115 22.80 0.62 18.73
CA ALA D 115 23.62 1.30 17.73
C ALA D 115 23.63 0.55 16.40
N TYR D 116 23.84 -0.77 16.46
CA TYR D 116 23.76 -1.58 15.24
C TYR D 116 22.38 -1.40 14.59
N ALA D 117 21.35 -1.40 15.43
CA ALA D 117 19.97 -1.23 14.98
C ALA D 117 19.80 0.02 14.16
N LEU D 118 20.55 1.07 14.52
CA LEU D 118 20.46 2.35 13.83
C LEU D 118 21.09 2.30 12.44
N LEU D 119 22.07 1.42 12.26
CA LEU D 119 22.82 1.36 11.00
C LEU D 119 22.16 0.47 9.94
N SER D 120 21.18 -0.33 10.34
CA SER D 120 20.56 -1.26 9.40
C SER D 120 19.61 -0.55 8.46
N LYS D 121 19.04 0.57 8.92
CA LYS D 121 18.11 1.34 8.11
C LYS D 121 18.52 2.81 8.09
N ILE D 122 19.72 3.07 7.59
CA ILE D 122 20.40 4.36 7.72
C ILE D 122 19.60 5.59 7.26
N ARG D 123 18.59 5.37 6.42
CA ARG D 123 17.79 6.50 5.93
C ARG D 123 16.36 6.47 6.48
N ASP D 124 16.03 5.43 7.24
CA ASP D 124 14.70 5.27 7.83
C ASP D 124 14.55 6.22 9.02
N PRO D 125 13.55 7.11 8.95
CA PRO D 125 13.36 8.07 10.03
C PRO D 125 12.74 7.47 11.29
N GLN D 126 12.34 6.20 11.22
CA GLN D 126 11.72 5.55 12.37
C GLN D 126 12.73 5.30 13.49
N TYR D 127 13.94 4.96 13.11
CA TYR D 127 14.97 4.64 14.09
C TYR D 127 15.46 5.90 14.77
N ASP D 128 15.29 7.02 14.07
CA ASP D 128 15.53 8.36 14.62
C ASP D 128 14.42 8.66 15.58
N GLU D 129 13.22 8.24 15.20
CA GLU D 129 12.08 8.39 16.08
C GLU D 129 12.20 7.54 17.37
N ASN D 130 12.45 6.22 17.32
CA ASN D 130 12.31 5.54 18.60
C ASN D 130 13.55 5.79 19.48
N ILE D 131 14.69 6.15 18.89
CA ILE D 131 15.90 6.28 19.70
C ILE D 131 15.78 7.49 20.66
N GLN D 132 15.04 8.52 20.23
CA GLN D 132 14.76 9.67 21.09
C GLN D 132 13.76 9.33 22.21
N ARG D 133 13.31 8.09 22.27
CA ARG D 133 12.36 7.67 23.30
C ARG D 133 13.05 6.86 24.38
N LEU D 134 14.24 6.35 24.09
CA LEU D 134 14.96 5.51 25.04
C LEU D 134 15.45 6.30 26.24
N PRO D 135 15.74 5.60 27.34
CA PRO D 135 16.39 6.24 28.48
C PRO D 135 17.62 7.05 28.11
N LYS D 136 17.93 8.02 28.96
CA LYS D 136 19.00 9.01 28.75
C LYS D 136 20.39 8.40 28.64
N HIS D 137 20.68 7.40 29.47
CA HIS D 137 22.01 6.80 29.48
C HIS D 137 22.28 5.99 28.21
N ILE D 138 21.20 5.62 27.53
CA ILE D 138 21.32 4.87 26.29
C ILE D 138 21.49 5.81 25.11
N PHE D 139 20.72 6.90 25.09
CA PHE D 139 20.80 7.87 24.01
C PHE D 139 22.15 8.59 24.01
N GLN D 140 22.78 8.68 25.17
CA GLN D 140 24.04 9.40 25.30
C GLN D 140 25.25 8.48 25.42
N ASP D 141 25.03 7.19 25.22
CA ASP D 141 26.13 6.23 25.19
C ASP D 141 26.94 6.45 23.91
N LYS D 142 28.27 6.38 24.04
CA LYS D 142 29.20 6.63 22.94
C LYS D 142 28.79 5.94 21.64
N LEU D 143 28.30 4.72 21.77
CA LEU D 143 27.97 3.87 20.64
C LEU D 143 26.82 4.41 19.79
N VAL D 144 25.71 4.77 20.42
CA VAL D 144 24.58 5.30 19.67
C VAL D 144 24.92 6.70 19.14
N GLN D 145 25.72 7.44 19.90
CA GLN D 145 26.20 8.75 19.49
C GLN D 145 26.95 8.60 18.17
N MET D 146 28.02 7.80 18.21
CA MET D 146 28.75 7.37 17.02
C MET D 146 27.82 7.10 15.84
N ALA D 147 26.75 6.38 16.10
CA ALA D 147 25.87 5.92 15.03
C ALA D 147 25.04 7.06 14.49
N LEU D 148 24.48 7.86 15.41
CA LEU D 148 23.66 9.00 15.05
C LEU D 148 24.39 9.95 14.09
N CYS D 149 25.68 10.14 14.33
CA CYS D 149 26.54 10.95 13.47
C CYS D 149 26.57 10.40 12.05
N PHE D 150 26.94 9.12 11.94
CA PHE D 150 26.95 8.45 10.65
C PHE D 150 25.62 8.62 9.93
N ARG D 151 24.52 8.50 10.67
CA ARG D 151 23.20 8.61 10.07
C ARG D 151 23.00 10.01 9.51
N ARG D 152 23.40 11.02 10.28
CA ARG D 152 23.26 12.42 9.87
C ARG D 152 24.15 12.74 8.67
N VAL D 153 25.42 12.39 8.82
CA VAL D 153 26.41 12.54 7.77
C VAL D 153 25.99 11.91 6.44
N ILE D 154 25.32 10.76 6.50
CA ILE D 154 24.97 10.02 5.30
C ILE D 154 23.73 10.59 4.61
N SER D 155 22.91 11.31 5.38
CA SER D 155 21.66 11.89 4.87
C SER D 155 21.88 12.71 3.62
N ASN D 156 20.95 12.59 2.67
CA ASN D 156 21.14 13.24 1.39
C ASN D 156 19.81 13.74 0.81
N SER D 157 19.69 15.04 0.60
CA SER D 157 18.44 15.61 0.12
C SER D 157 18.21 15.24 -1.34
N ALA D 158 19.19 14.59 -1.96
CA ALA D 158 19.08 14.22 -3.37
C ALA D 158 18.89 12.72 -3.56
N TYR D 159 19.29 11.92 -2.56
CA TYR D 159 19.11 10.46 -2.58
C TYR D 159 17.80 10.03 -3.23
N THR D 160 17.89 9.40 -4.40
CA THR D 160 16.68 8.86 -5.05
C THR D 160 16.63 7.33 -5.00
N GLU D 161 15.47 6.83 -4.61
CA GLU D 161 15.17 5.41 -4.60
C GLU D 161 13.66 5.27 -4.61
N ARG D 162 13.15 4.26 -5.31
CA ARG D 162 11.70 4.08 -5.45
C ARG D 162 10.99 4.06 -4.11
N GLY D 163 10.03 4.98 -3.95
CA GLY D 163 9.24 5.05 -2.74
C GLY D 163 9.86 5.80 -1.58
N PHE D 164 11.07 6.32 -1.76
CA PHE D 164 11.77 7.08 -0.72
C PHE D 164 11.45 8.57 -0.84
N VAL D 165 11.01 9.16 0.26
CA VAL D 165 10.72 10.59 0.29
C VAL D 165 11.94 11.39 0.72
N LYS D 166 12.31 12.38 -0.09
CA LYS D 166 13.49 13.22 0.17
C LYS D 166 13.19 14.33 1.17
N THR D 167 14.03 14.44 2.19
CA THR D 167 13.84 15.45 3.23
C THR D 167 14.77 16.63 2.98
N GLU D 168 14.39 17.80 3.50
CA GLU D 168 15.12 19.04 3.21
C GLU D 168 16.37 19.25 4.07
N ASN D 169 17.29 20.07 3.55
CA ASN D 169 18.51 20.48 4.28
C ASN D 169 19.39 19.34 4.81
N CYS D 170 19.67 18.33 4.01
CA CYS D 170 20.54 17.23 4.46
C CYS D 170 21.99 17.54 4.17
N LEU D 171 22.87 17.06 5.05
CA LEU D 171 24.29 17.42 5.04
C LEU D 171 25.08 16.84 3.87
N ASN D 172 24.81 15.59 3.53
CA ASN D 172 25.58 14.88 2.52
C ASN D 172 27.08 14.99 2.82
N PHE D 173 27.43 14.82 4.09
CA PHE D 173 28.79 15.04 4.56
C PHE D 173 29.74 13.86 4.30
N TYR D 174 29.75 13.37 3.06
CA TYR D 174 30.64 12.29 2.64
C TYR D 174 32.08 12.45 3.10
N ALA D 175 32.56 13.68 3.17
CA ALA D 175 33.93 13.95 3.58
C ALA D 175 34.15 13.57 5.04
N ARG D 176 33.19 13.94 5.88
CA ARG D 176 33.22 13.62 7.31
C ARG D 176 32.95 12.14 7.54
N PHE D 177 32.19 11.53 6.64
CA PHE D 177 31.93 10.09 6.73
C PHE D 177 33.24 9.33 6.76
N PHE D 178 34.05 9.52 5.72
CA PHE D 178 35.33 8.82 5.56
C PHE D 178 36.34 9.18 6.64
N GLN D 179 36.31 10.40 7.14
CA GLN D 179 37.11 10.76 8.30
C GLN D 179 36.78 9.83 9.46
N LEU D 180 35.49 9.60 9.66
CA LEU D 180 34.99 8.79 10.76
C LEU D 180 35.32 7.31 10.59
N MET D 181 35.19 6.81 9.35
CA MET D 181 35.47 5.42 9.05
C MET D 181 36.93 5.08 9.35
N GLN D 182 37.78 6.09 9.37
CA GLN D 182 39.20 5.90 9.65
C GLN D 182 39.54 6.15 11.11
N SER D 183 38.54 6.40 11.94
CA SER D 183 38.81 6.68 13.33
C SER D 183 39.28 5.44 14.07
N PRO D 184 40.22 5.61 15.00
CA PRO D 184 40.68 4.55 15.90
C PRO D 184 39.66 4.26 16.99
N SER D 185 38.65 5.10 17.09
CA SER D 185 37.64 4.96 18.12
C SER D 185 36.39 4.30 17.57
N LEU D 186 36.36 4.11 16.25
CA LEU D 186 35.23 3.45 15.61
C LEU D 186 35.23 1.97 15.92
N PRO D 187 34.17 1.48 16.60
CA PRO D 187 34.01 0.04 16.84
C PRO D 187 34.10 -0.71 15.54
N LEU D 188 34.92 -1.76 15.57
CA LEU D 188 35.39 -2.39 14.35
C LEU D 188 34.20 -3.00 13.62
N LEU D 189 33.32 -3.63 14.39
CA LEU D 189 32.11 -4.22 13.85
C LEU D 189 31.24 -3.19 13.13
N MET D 190 30.95 -2.08 13.80
CA MET D 190 30.16 -0.98 13.23
C MET D 190 30.65 -0.63 11.84
N GLY D 191 31.97 -0.45 11.72
CA GLY D 191 32.59 -0.13 10.46
C GLY D 191 32.22 -1.11 9.37
N PHE D 192 32.30 -2.42 9.69
CA PHE D 192 31.90 -3.48 8.76
C PHE D 192 30.49 -3.27 8.24
N PHE D 193 29.57 -2.99 9.17
CA PHE D 193 28.18 -2.76 8.84
C PHE D 193 28.05 -1.61 7.86
N LEU D 194 28.70 -0.50 8.19
CA LEU D 194 28.53 0.73 7.41
C LEU D 194 29.03 0.57 6.00
N GLN D 195 30.07 -0.25 5.83
CA GLN D 195 30.67 -0.48 4.53
C GLN D 195 29.67 -0.83 3.45
N MET D 196 28.50 -1.31 3.87
CA MET D 196 27.40 -1.61 2.96
C MET D 196 26.96 -0.39 2.16
N HIS D 197 27.44 0.79 2.52
CA HIS D 197 26.99 2.01 1.87
C HIS D 197 28.08 2.76 1.11
N LEU D 198 29.29 2.20 1.04
CA LEU D 198 30.40 2.85 0.36
C LEU D 198 30.03 3.36 -1.02
N THR D 199 29.54 2.47 -1.89
CA THR D 199 29.16 2.86 -3.24
C THR D 199 28.16 4.01 -3.28
N ASP D 200 26.98 3.84 -2.66
CA ASP D 200 25.95 4.87 -2.74
C ASP D 200 26.39 6.18 -2.10
N ILE D 201 27.15 6.10 -1.02
CA ILE D 201 27.69 7.29 -0.40
C ILE D 201 28.56 8.03 -1.41
N ARG D 202 29.45 7.29 -2.05
CA ARG D 202 30.33 7.86 -3.06
C ARG D 202 29.53 8.47 -4.22
N PHE D 203 28.73 7.66 -4.91
CA PHE D 203 27.97 8.14 -6.06
C PHE D 203 27.27 9.48 -5.84
N TYR D 204 26.65 9.64 -4.67
CA TYR D 204 25.93 10.88 -4.36
C TYR D 204 26.88 11.99 -3.92
N ALA D 205 28.14 11.65 -3.72
CA ALA D 205 29.17 12.65 -3.48
C ALA D 205 29.67 13.20 -4.81
N LEU D 206 29.80 12.33 -5.81
CA LEU D 206 30.29 12.72 -7.12
C LEU D 206 29.25 13.48 -7.93
N ARG D 207 28.01 13.04 -7.89
CA ARG D 207 26.97 13.73 -8.64
C ARG D 207 26.75 15.09 -8.01
N ALA D 208 27.06 15.19 -6.72
CA ALA D 208 26.99 16.46 -6.01
C ALA D 208 28.07 17.42 -6.49
N LEU D 209 29.28 16.91 -6.65
CA LEU D 209 30.41 17.73 -7.08
C LEU D 209 30.30 18.13 -8.55
N SER D 210 29.81 17.21 -9.38
CA SER D 210 29.68 17.46 -10.82
C SER D 210 28.76 18.65 -11.09
N HIS D 211 27.98 19.04 -10.08
CA HIS D 211 27.07 20.17 -10.20
C HIS D 211 27.76 21.48 -9.84
N THR D 212 28.79 21.40 -9.00
CA THR D 212 29.51 22.60 -8.59
C THR D 212 30.61 22.96 -9.59
N LEU D 213 30.92 22.03 -10.49
CA LEU D 213 31.87 22.28 -11.55
C LEU D 213 31.18 23.05 -12.68
N ASN D 214 31.75 24.20 -13.05
CA ASN D 214 31.28 24.93 -14.23
C ASN D 214 31.59 24.15 -15.50
N LYS D 215 30.72 24.23 -16.50
CA LYS D 215 30.98 23.46 -17.73
C LYS D 215 32.31 23.92 -18.34
N LYS D 216 33.23 22.95 -18.45
CA LYS D 216 34.49 22.96 -19.22
C LYS D 216 35.61 22.83 -18.22
N HIS D 217 35.25 22.75 -16.94
CA HIS D 217 36.21 22.38 -15.91
C HIS D 217 36.93 21.10 -16.35
N LYS D 218 38.24 21.08 -16.16
CA LYS D 218 39.06 19.98 -16.61
C LYS D 218 39.08 18.86 -15.59
N PRO D 219 38.76 17.64 -16.05
CA PRO D 219 38.55 16.35 -15.36
C PRO D 219 39.36 16.13 -14.09
N ILE D 220 38.70 15.56 -13.09
CA ILE D 220 39.25 15.46 -11.76
C ILE D 220 40.18 14.26 -11.61
N PRO D 221 41.44 14.51 -11.23
CA PRO D 221 42.54 13.54 -11.09
C PRO D 221 42.19 12.37 -10.16
N PHE D 222 42.61 11.17 -10.54
CA PHE D 222 42.48 10.00 -9.68
C PHE D 222 43.08 10.28 -8.30
N ILE D 223 44.35 10.69 -8.28
CA ILE D 223 45.09 11.00 -7.05
C ILE D 223 44.23 11.77 -6.04
N TYR D 224 43.35 12.61 -6.57
CA TYR D 224 42.41 13.37 -5.74
C TYR D 224 41.21 12.54 -5.27
N LEU D 225 40.51 11.92 -6.22
CA LEU D 225 39.33 11.11 -5.91
C LEU D 225 39.64 9.95 -4.97
N GLU D 226 40.85 9.40 -5.07
CA GLU D 226 41.31 8.36 -4.17
C GLU D 226 41.54 8.91 -2.75
N ASN D 227 41.16 10.16 -2.54
CA ASN D 227 41.22 10.81 -1.23
C ASN D 227 39.86 11.38 -0.83
N MET D 228 39.12 11.89 -1.81
CA MET D 228 37.79 12.44 -1.59
C MET D 228 36.80 11.33 -1.26
N LEU D 229 37.19 10.09 -1.54
CA LEU D 229 36.32 8.93 -1.38
C LEU D 229 37.03 7.76 -0.72
N LEU D 230 38.27 7.99 -0.29
CA LEU D 230 39.09 6.99 0.39
C LEU D 230 38.96 5.63 -0.31
N PHE D 231 39.24 5.61 -1.62
CA PHE D 231 39.22 4.35 -2.35
C PHE D 231 40.29 3.41 -1.81
N ASN D 232 40.24 2.16 -2.24
CA ASN D 232 41.26 1.20 -1.85
C ASN D 232 42.51 1.35 -2.71
N ASN D 233 42.32 1.49 -4.02
CA ASN D 233 43.43 1.57 -4.95
C ASN D 233 43.06 2.21 -6.28
N ARG D 234 44.06 2.38 -7.14
CA ARG D 234 43.87 3.00 -8.44
C ARG D 234 42.85 2.28 -9.35
N GLN D 235 42.64 0.98 -9.13
CA GLN D 235 41.84 0.21 -10.09
C GLN D 235 40.37 0.12 -9.70
N GLU D 236 40.07 0.20 -8.41
CA GLU D 236 38.69 0.23 -7.98
C GLU D 236 38.02 1.46 -8.54
N ILE D 237 38.65 2.60 -8.33
CA ILE D 237 38.15 3.88 -8.80
C ILE D 237 37.94 3.83 -10.32
N ILE D 238 38.82 3.12 -11.03
CA ILE D 238 38.62 2.88 -12.46
C ILE D 238 37.31 2.14 -12.69
N GLU D 239 37.17 0.99 -12.03
CA GLU D 239 35.97 0.16 -12.13
C GLU D 239 34.71 0.98 -11.85
N PHE D 240 34.79 1.80 -10.82
CA PHE D 240 33.69 2.66 -10.40
C PHE D 240 33.12 3.47 -11.57
N CYS D 241 34.00 4.23 -12.22
CA CYS D 241 33.61 5.12 -13.31
C CYS D 241 33.01 4.33 -14.47
N ASN D 242 33.53 3.13 -14.70
CA ASN D 242 33.09 2.28 -15.80
C ASN D 242 31.65 1.80 -15.62
N TYR D 243 31.25 1.61 -14.36
CA TYR D 243 29.90 1.14 -14.05
C TYR D 243 28.85 2.22 -14.35
N TYR D 244 29.01 3.38 -13.73
CA TYR D 244 28.00 4.44 -13.80
C TYR D 244 28.11 5.27 -15.07
N SER D 245 29.02 4.86 -15.96
CA SER D 245 29.26 5.51 -17.25
C SER D 245 29.87 6.90 -17.12
N ILE D 246 30.91 7.04 -16.31
CA ILE D 246 31.56 8.34 -16.15
C ILE D 246 32.39 8.64 -17.41
N GLU D 247 33.57 7.99 -17.51
CA GLU D 247 34.59 8.11 -18.57
C GLU D 247 35.89 8.61 -17.97
N ILE D 248 36.96 7.88 -18.26
CA ILE D 248 38.28 8.25 -17.79
C ILE D 248 38.98 9.00 -18.90
N ILE D 249 39.69 10.05 -18.51
CA ILE D 249 40.49 10.82 -19.41
C ILE D 249 41.94 10.51 -19.08
N ASN D 250 42.67 9.88 -20.02
CA ASN D 250 44.12 9.84 -19.93
C ASN D 250 44.64 8.94 -18.81
N GLY D 251 43.73 8.14 -18.24
CA GLY D 251 44.11 7.14 -17.23
C GLY D 251 44.45 7.69 -15.85
N ASP D 252 44.35 9.01 -15.71
CA ASP D 252 44.71 9.71 -14.48
C ASP D 252 43.51 10.39 -13.83
N ALA D 253 42.46 10.63 -14.62
CA ALA D 253 41.37 11.49 -14.15
C ALA D 253 40.03 11.05 -14.67
N ALA D 254 38.97 11.66 -14.13
CA ALA D 254 37.63 11.37 -14.61
C ALA D 254 36.83 12.66 -14.84
N ASP D 255 35.99 12.62 -15.88
CA ASP D 255 35.23 13.77 -16.34
C ASP D 255 33.84 13.77 -15.72
N LEU D 256 33.76 14.28 -14.49
CA LEU D 256 32.55 14.19 -13.68
C LEU D 256 31.30 14.74 -14.39
N LYS D 257 31.48 15.60 -15.38
CA LYS D 257 30.33 16.15 -16.08
C LYS D 257 29.60 15.07 -16.89
N THR D 258 30.33 14.05 -17.32
CA THR D 258 29.75 12.99 -18.15
C THR D 258 28.92 12.01 -17.33
N LEU D 259 28.89 12.26 -16.02
CA LEU D 259 28.06 11.51 -15.08
C LEU D 259 26.65 12.04 -15.07
N GLN D 260 25.75 11.33 -15.74
CA GLN D 260 24.35 11.71 -15.70
C GLN D 260 23.42 10.56 -15.31
N HIS D 261 23.48 10.03 -14.07
CA HIS D 261 22.23 9.39 -13.60
C HIS D 261 21.85 10.08 -12.29
N TYR D 262 20.53 10.22 -12.16
CA TYR D 262 19.90 10.73 -10.97
C TYR D 262 20.12 9.76 -9.82
N SER D 263 19.80 8.50 -10.06
CA SER D 263 19.81 7.47 -9.02
C SER D 263 21.11 6.69 -8.92
N HIS D 264 21.44 6.25 -7.70
CA HIS D 264 22.61 5.39 -7.52
C HIS D 264 22.32 3.99 -8.01
N LYS D 265 21.04 3.68 -8.20
CA LYS D 265 20.66 2.37 -8.69
C LYS D 265 20.23 2.45 -10.14
N LEU D 266 21.08 1.93 -11.02
CA LEU D 266 20.81 1.99 -12.46
C LEU D 266 19.61 1.13 -12.81
N SER D 267 18.87 1.56 -13.84
CA SER D 267 17.60 0.95 -14.28
C SER D 267 17.40 -0.52 -13.89
N GLU D 268 18.03 -1.45 -14.62
CA GLU D 268 18.06 -2.84 -14.19
C GLU D 268 19.42 -3.50 -14.36
N THR D 269 20.49 -2.71 -14.38
CA THR D 269 21.84 -3.25 -14.25
C THR D 269 22.04 -3.64 -12.79
N GLN D 270 22.18 -4.94 -12.52
CA GLN D 270 22.39 -5.44 -11.14
C GLN D 270 23.52 -4.66 -10.46
N PRO D 271 23.31 -4.27 -9.19
CA PRO D 271 24.26 -3.50 -8.38
C PRO D 271 25.74 -3.83 -8.55
N LEU D 272 26.57 -2.80 -8.47
CA LEU D 272 28.02 -2.97 -8.46
C LEU D 272 28.38 -3.86 -7.28
N LYS D 273 29.35 -4.77 -7.46
CA LYS D 273 29.79 -5.61 -6.35
C LYS D 273 30.23 -4.70 -5.22
N LYS D 274 29.85 -5.04 -4.00
CA LYS D 274 30.11 -4.15 -2.89
C LYS D 274 31.54 -4.31 -2.42
N THR D 275 32.02 -3.28 -1.74
CA THR D 275 33.44 -3.12 -1.49
C THR D 275 33.74 -2.94 0.00
N TYR D 276 34.97 -2.57 0.29
CA TYR D 276 35.43 -2.45 1.67
C TYR D 276 36.49 -1.36 1.78
N LEU D 277 37.02 -1.18 2.98
CA LEU D 277 38.07 -0.20 3.19
C LEU D 277 39.34 -0.87 3.71
N THR D 278 40.42 -0.70 2.96
CA THR D 278 41.73 -1.30 3.26
C THR D 278 42.17 -1.06 4.71
N CYS D 279 41.71 0.05 5.29
CA CYS D 279 42.05 0.39 6.66
C CYS D 279 41.31 -0.48 7.68
N LEU D 280 40.01 -0.67 7.45
CA LEU D 280 39.22 -1.52 8.33
C LEU D 280 39.71 -2.94 8.30
N GLU D 281 40.09 -3.44 7.13
CA GLU D 281 40.36 -4.87 7.09
C GLU D 281 41.56 -5.17 7.94
N ARG D 282 42.73 -4.58 7.68
CA ARG D 282 43.90 -4.98 8.48
C ARG D 282 43.81 -4.51 9.94
N ARG D 283 42.75 -3.77 10.27
CA ARG D 283 42.36 -3.59 11.67
C ARG D 283 41.92 -4.95 12.21
N LEU D 284 41.14 -5.65 11.39
CA LEU D 284 40.67 -7.01 11.69
C LEU D 284 41.83 -8.00 11.87
N GLN D 285 42.83 -7.94 11.00
CA GLN D 285 43.89 -8.98 10.93
C GLN D 285 44.75 -9.23 12.16
N LYS D 286 44.98 -8.20 12.95
CA LYS D 286 45.79 -8.29 14.18
C LYS D 286 44.90 -8.43 15.42
N THR D 287 43.63 -8.75 15.18
CA THR D 287 42.78 -9.31 16.23
C THR D 287 42.21 -10.65 15.72
N THR D 288 41.55 -11.35 16.62
CA THR D 288 40.98 -12.66 16.33
C THR D 288 39.48 -12.60 16.09
N TYR D 289 39.01 -13.49 15.22
CA TYR D 289 37.59 -13.66 14.95
C TYR D 289 36.81 -13.84 16.24
N LYS D 290 37.26 -14.79 17.06
CA LYS D 290 36.65 -15.03 18.36
C LYS D 290 36.51 -13.77 19.20
N GLY D 291 37.64 -13.10 19.43
CA GLY D 291 37.66 -11.90 20.25
C GLY D 291 36.61 -10.87 19.90
N LEU D 292 36.37 -10.66 18.61
CA LEU D 292 35.35 -9.72 18.14
C LEU D 292 33.94 -10.12 18.54
N ILE D 293 33.68 -11.42 18.56
CA ILE D 293 32.34 -11.91 18.85
C ILE D 293 32.10 -12.00 20.37
N ASN D 294 33.05 -12.58 21.09
CA ASN D 294 32.95 -12.71 22.55
C ASN D 294 33.18 -11.37 23.27
N GLY D 295 33.59 -10.36 22.52
CA GLY D 295 33.78 -9.03 23.07
C GLY D 295 32.45 -8.47 23.55
N GLY D 296 32.44 -7.90 24.74
CA GLY D 296 31.23 -7.36 25.32
C GLY D 296 30.95 -8.01 26.66
N GLU D 297 30.27 -7.27 27.54
CA GLU D 297 30.08 -7.73 28.91
C GLU D 297 29.20 -8.98 28.95
N ASP D 298 29.26 -9.69 30.08
CA ASP D 298 28.52 -10.92 30.26
C ASP D 298 27.10 -10.66 30.77
N ASN D 299 26.31 -11.72 30.87
CA ASN D 299 24.93 -11.62 31.34
C ASN D 299 24.62 -12.77 32.31
N GLY E 1 -22.78 15.85 7.22
CA GLY E 1 -24.05 15.14 7.20
C GLY E 1 -24.23 14.28 8.43
N LYS E 2 -24.72 13.06 8.23
CA LYS E 2 -24.81 12.05 9.28
C LYS E 2 -23.45 11.39 9.54
N GLN E 3 -22.45 12.24 9.72
CA GLN E 3 -21.10 11.83 10.02
C GLN E 3 -20.47 12.95 10.85
N ARG E 4 -21.30 13.59 11.67
CA ARG E 4 -20.91 14.87 12.26
C ARG E 4 -19.84 14.73 13.35
N ILE E 5 -19.64 13.52 13.87
CA ILE E 5 -18.59 13.37 14.87
C ILE E 5 -17.39 12.60 14.33
N LEU E 6 -17.29 12.48 13.02
CA LEU E 6 -16.20 11.72 12.41
C LEU E 6 -14.84 12.32 12.77
N LEU E 7 -14.70 13.62 12.53
CA LEU E 7 -13.44 14.28 12.82
C LEU E 7 -13.08 14.17 14.31
N TYR E 8 -14.06 14.42 15.17
CA TYR E 8 -13.89 14.20 16.60
C TYR E 8 -13.31 12.80 16.85
N LEU E 9 -14.01 11.77 16.34
CA LEU E 9 -13.57 10.38 16.47
C LEU E 9 -12.16 10.13 15.93
N VAL E 10 -11.87 10.69 14.76
CA VAL E 10 -10.56 10.55 14.14
C VAL E 10 -9.43 11.03 15.06
N ASN E 11 -9.53 12.29 15.49
CA ASN E 11 -8.53 12.86 16.39
C ASN E 11 -8.37 12.08 17.70
N LYS E 12 -9.51 11.81 18.35
CA LYS E 12 -9.55 11.01 19.57
C LYS E 12 -8.69 9.78 19.39
N LEU E 13 -8.84 9.18 18.22
CA LEU E 13 -8.17 7.94 17.86
C LEU E 13 -6.69 8.13 17.57
N ASN E 14 -6.37 9.10 16.71
CA ASN E 14 -4.98 9.39 16.37
C ASN E 14 -4.17 9.84 17.57
N ASN E 15 -4.83 10.54 18.49
CA ASN E 15 -4.19 10.93 19.74
C ASN E 15 -3.72 9.72 20.53
N ILE E 16 -4.58 8.70 20.59
CA ILE E 16 -4.25 7.46 21.26
C ILE E 16 -2.98 6.84 20.67
N TYR E 17 -2.90 6.81 19.34
CA TYR E 17 -1.73 6.26 18.69
C TYR E 17 -0.47 7.00 19.11
N PHE E 18 -0.59 8.31 19.27
CA PHE E 18 0.54 9.12 19.74
C PHE E 18 0.90 8.83 21.20
N ARG E 19 -0.11 8.53 22.02
CA ARG E 19 0.12 8.30 23.45
C ARG E 19 0.93 7.03 23.70
N ILE E 20 0.64 6.00 22.92
CA ILE E 20 1.52 4.86 22.81
C ILE E 20 2.73 5.32 22.02
N GLU E 21 3.87 4.65 22.18
CA GLU E 21 5.05 5.01 21.39
C GLU E 21 4.92 4.56 19.92
N SER E 22 3.75 4.77 19.32
CA SER E 22 3.51 4.27 17.97
C SER E 22 2.48 5.07 17.17
N PRO E 23 2.91 6.21 16.63
CA PRO E 23 2.07 7.12 15.85
C PRO E 23 2.11 6.84 14.35
N GLN E 24 2.87 5.84 13.91
CA GLN E 24 2.92 5.54 12.49
C GLN E 24 1.58 4.96 12.02
N LEU E 25 0.79 4.48 12.99
CA LEU E 25 -0.54 3.93 12.73
C LEU E 25 -1.57 5.00 12.34
N CYS E 26 -1.13 6.26 12.27
CA CYS E 26 -2.03 7.35 11.95
C CYS E 26 -2.28 7.48 10.45
N SER E 27 -1.22 7.23 9.67
CA SER E 27 -1.28 7.44 8.22
C SER E 27 -2.50 6.75 7.65
N ASN E 28 -2.84 5.57 8.18
CA ASN E 28 -4.02 4.84 7.72
C ASN E 28 -5.31 5.60 8.00
N ILE E 29 -5.35 6.34 9.10
CA ILE E 29 -6.53 7.15 9.38
C ILE E 29 -6.50 8.37 8.47
N PHE E 30 -5.33 9.01 8.42
CA PHE E 30 -5.10 10.17 7.55
C PHE E 30 -5.46 9.88 6.10
N LYS E 31 -5.01 8.72 5.62
CA LYS E 31 -5.19 8.29 4.23
C LYS E 31 -6.67 8.21 3.89
N ASN E 32 -7.49 7.87 4.88
CA ASN E 32 -8.95 7.75 4.65
C ASN E 32 -9.59 9.08 4.26
N PHE E 33 -8.79 10.13 4.15
CA PHE E 33 -9.31 11.47 3.88
C PHE E 33 -9.10 11.99 2.46
N GLN E 34 -8.38 11.25 1.61
CA GLN E 34 -8.21 11.68 0.21
C GLN E 34 -9.30 11.20 -0.78
N PRO E 35 -10.15 10.21 -0.40
CA PRO E 35 -11.40 10.10 -1.14
C PRO E 35 -11.96 11.47 -1.46
N LYS E 36 -12.19 11.70 -2.76
CA LYS E 36 -12.83 12.89 -3.26
C LYS E 36 -14.02 13.28 -2.40
N SER E 37 -14.74 12.27 -1.95
CA SER E 37 -15.99 12.47 -1.22
C SER E 37 -15.77 13.20 0.11
N MET E 38 -14.71 12.86 0.83
CA MET E 38 -14.54 13.35 2.19
C MET E 38 -13.60 14.53 2.33
N LEU E 39 -12.58 14.61 1.48
CA LEU E 39 -11.68 15.78 1.42
C LEU E 39 -12.51 17.06 1.40
N ALA E 40 -13.65 16.99 0.72
CA ALA E 40 -14.53 18.13 0.55
C ALA E 40 -15.49 18.33 1.73
N HIS E 41 -15.29 17.56 2.81
CA HIS E 41 -16.11 17.74 4.02
C HIS E 41 -15.27 18.18 5.20
N PHE E 42 -13.95 17.98 5.08
CA PHE E 42 -13.01 18.41 6.10
C PHE E 42 -13.20 19.88 6.43
N ASN E 43 -13.64 20.65 5.44
CA ASN E 43 -13.87 22.08 5.60
C ASN E 43 -15.22 22.40 6.25
N GLU E 44 -16.02 21.38 6.50
CA GLU E 44 -17.37 21.58 7.06
C GLU E 44 -17.46 21.27 8.55
N TYR E 45 -16.43 20.64 9.09
CA TYR E 45 -16.39 20.35 10.51
C TYR E 45 -16.02 21.61 11.29
N GLN E 46 -16.23 21.57 12.60
CA GLN E 46 -15.85 22.67 13.49
C GLN E 46 -14.38 23.03 13.30
N LEU E 47 -14.04 24.31 13.39
CA LEU E 47 -12.68 24.72 13.09
C LEU E 47 -11.67 24.16 14.09
N ASP E 48 -12.03 24.21 15.38
CA ASP E 48 -11.16 23.65 16.43
C ASP E 48 -10.84 22.16 16.21
N GLN E 49 -11.81 21.39 15.70
CA GLN E 49 -11.58 20.05 15.10
C GLN E 49 -10.60 19.98 13.95
N GLN E 50 -10.64 20.95 13.03
CA GLN E 50 -9.67 20.91 11.94
C GLN E 50 -8.27 21.21 12.48
N ILE E 51 -8.21 22.22 13.35
CA ILE E 51 -6.96 22.65 13.96
C ILE E 51 -6.23 21.48 14.62
N GLU E 52 -6.94 20.79 15.51
CA GLU E 52 -6.38 19.62 16.19
C GLU E 52 -5.85 18.60 15.20
N TYR E 53 -6.66 18.31 14.19
CA TYR E 53 -6.27 17.37 13.14
C TYR E 53 -4.96 17.83 12.51
N ARG E 54 -4.94 19.08 12.04
CA ARG E 54 -3.79 19.61 11.31
C ARG E 54 -2.55 19.54 12.19
N TYR E 55 -2.75 19.74 13.48
CA TYR E 55 -1.70 19.64 14.47
C TYR E 55 -1.07 18.25 14.47
N LEU E 56 -1.90 17.22 14.65
CA LEU E 56 -1.47 15.82 14.60
C LEU E 56 -0.80 15.48 13.28
N LEU E 57 -1.50 15.80 12.18
CA LEU E 57 -0.97 15.58 10.84
C LEU E 57 0.39 16.25 10.68
N GLY E 58 0.51 17.47 11.22
CA GLY E 58 1.78 18.19 11.19
C GLY E 58 2.87 17.45 11.94
N ARG E 59 2.58 17.03 13.16
CA ARG E 59 3.55 16.30 13.99
C ARG E 59 3.97 15.00 13.32
N TYR E 60 3.00 14.33 12.70
CA TYR E 60 3.26 13.12 11.92
C TYR E 60 4.35 13.33 10.90
N TYR E 61 4.12 14.29 10.00
CA TYR E 61 5.12 14.68 9.00
C TYR E 61 6.52 14.82 9.61
N LEU E 62 6.60 15.59 10.69
CA LEU E 62 7.88 15.93 11.30
C LEU E 62 8.61 14.69 11.81
N LEU E 63 7.86 13.76 12.36
CA LEU E 63 8.36 12.43 12.74
C LEU E 63 9.03 11.73 11.57
N ASN E 64 8.61 12.07 10.36
CA ASN E 64 9.19 11.53 9.15
C ASN E 64 10.10 12.53 8.45
N SER E 65 10.52 13.54 9.22
CA SER E 65 11.40 14.60 8.73
C SER E 65 10.91 15.35 7.50
N GLN E 66 9.61 15.35 7.25
CA GLN E 66 9.10 16.12 6.13
C GLN E 66 8.75 17.53 6.62
N VAL E 67 9.72 18.44 6.59
CA VAL E 67 9.61 19.67 7.35
C VAL E 67 8.55 20.63 6.80
N HIS E 68 8.55 20.86 5.50
CA HIS E 68 7.64 21.85 4.91
C HIS E 68 6.19 21.37 4.94
N ASN E 69 6.03 20.13 4.50
CA ASN E 69 4.95 19.22 4.88
C ASN E 69 4.37 19.46 6.28
N ALA E 70 5.20 19.36 7.32
CA ALA E 70 4.77 19.68 8.67
C ALA E 70 4.41 21.16 8.85
N PHE E 71 5.23 22.02 8.25
CA PHE E 71 5.09 23.47 8.40
C PHE E 71 3.73 23.99 8.01
N VAL E 72 3.35 23.74 6.75
CA VAL E 72 2.09 24.25 6.22
C VAL E 72 0.93 23.87 7.15
N GLN E 73 1.07 22.73 7.83
CA GLN E 73 0.05 22.25 8.75
C GLN E 73 0.03 23.04 10.05
N PHE E 74 1.19 23.17 10.69
CA PHE E 74 1.32 23.99 11.89
C PHE E 74 0.91 25.44 11.60
N ASN E 75 1.22 25.91 10.39
CA ASN E 75 0.87 27.27 10.03
C ASN E 75 -0.62 27.45 9.97
N GLU E 76 -1.29 26.57 9.22
CA GLU E 76 -2.75 26.63 9.11
C GLU E 76 -3.38 26.46 10.48
N ALA E 77 -2.74 25.67 11.34
CA ALA E 77 -3.25 25.43 12.68
C ALA E 77 -3.28 26.73 13.46
N PHE E 78 -2.11 27.33 13.65
CA PHE E 78 -2.00 28.50 14.52
C PHE E 78 -2.75 29.70 13.97
N GLN E 79 -2.67 29.89 12.66
CA GLN E 79 -3.39 30.97 12.00
C GLN E 79 -4.88 30.84 12.27
N SER E 80 -5.37 29.60 12.23
CA SER E 80 -6.78 29.34 12.47
C SER E 80 -7.13 29.52 13.94
N LEU E 81 -6.17 29.22 14.83
CA LEU E 81 -6.41 29.33 16.26
C LEU E 81 -6.38 30.79 16.70
N LEU E 82 -5.81 31.67 15.88
CA LEU E 82 -5.73 33.09 16.21
C LEU E 82 -7.05 33.82 15.98
N ASN E 83 -7.69 33.56 14.85
CA ASN E 83 -9.02 34.11 14.63
C ASN E 83 -10.07 33.12 15.12
N LEU E 84 -9.80 32.55 16.29
CA LEU E 84 -10.73 31.69 16.99
C LEU E 84 -11.56 32.58 17.89
N PRO E 85 -12.89 32.41 17.87
CA PRO E 85 -13.83 33.28 18.59
C PRO E 85 -13.45 33.51 20.05
N LEU E 86 -13.45 32.44 20.84
CA LEU E 86 -13.27 32.59 22.28
C LEU E 86 -11.80 32.79 22.64
N THR E 87 -11.51 32.86 23.93
CA THR E 87 -10.17 32.66 24.47
C THR E 87 -10.39 32.21 25.92
N ASN E 88 -10.47 30.89 26.08
CA ASN E 88 -10.39 30.18 27.36
C ASN E 88 -8.90 29.89 27.60
N GLN E 89 -8.51 29.57 28.83
CA GLN E 89 -7.09 29.30 29.11
C GLN E 89 -6.61 27.95 28.59
N ALA E 90 -7.49 27.22 27.90
CA ALA E 90 -7.14 25.97 27.27
C ALA E 90 -6.81 26.19 25.79
N ILE E 91 -7.63 27.00 25.13
CA ILE E 91 -7.41 27.36 23.73
C ILE E 91 -6.02 27.95 23.55
N THR E 92 -5.63 28.85 24.46
CA THR E 92 -4.30 29.46 24.39
C THR E 92 -3.22 28.42 24.68
N ARG E 93 -3.53 27.51 25.60
CA ARG E 93 -2.59 26.44 25.95
C ARG E 93 -2.38 25.52 24.75
N ASN E 94 -3.40 25.36 23.92
CA ASN E 94 -3.26 24.56 22.71
C ASN E 94 -2.39 25.28 21.68
N GLY E 95 -2.64 26.58 21.52
CA GLY E 95 -1.79 27.42 20.69
C GLY E 95 -0.33 27.35 21.12
N THR E 96 -0.10 27.31 22.42
CA THR E 96 1.22 27.06 22.95
C THR E 96 1.75 25.75 22.37
N ARG E 97 0.95 24.68 22.51
CA ARG E 97 1.33 23.35 22.00
C ARG E 97 1.72 23.41 20.54
N ILE E 98 0.94 24.14 19.76
CA ILE E 98 1.22 24.26 18.33
C ILE E 98 2.56 24.95 18.10
N LEU E 99 2.81 26.03 18.85
CA LEU E 99 4.02 26.82 18.64
C LEU E 99 5.27 26.01 18.95
N ASN E 100 5.20 25.14 19.95
CA ASN E 100 6.38 24.34 20.33
C ASN E 100 6.92 23.53 19.16
N TYR E 101 6.09 23.33 18.14
CA TYR E 101 6.50 22.63 16.93
C TYR E 101 6.70 23.59 15.75
N MET E 102 5.85 24.61 15.69
CA MET E 102 5.90 25.60 14.60
C MET E 102 7.19 26.41 14.59
N ILE E 103 7.66 26.83 15.77
CA ILE E 103 8.95 27.53 15.91
C ILE E 103 10.11 26.75 15.23
N PRO E 104 10.39 25.49 15.65
CA PRO E 104 11.55 24.86 15.01
C PRO E 104 11.30 24.44 13.57
N THR E 105 10.04 24.24 13.20
CA THR E 105 9.75 23.85 11.84
C THR E 105 10.14 25.03 10.96
N GLY E 106 9.68 26.22 11.35
CA GLY E 106 9.96 27.44 10.61
C GLY E 106 11.43 27.76 10.49
N LEU E 107 12.16 27.64 11.60
CA LEU E 107 13.58 27.92 11.62
C LEU E 107 14.35 27.14 10.55
N ILE E 108 14.11 25.84 10.50
CA ILE E 108 14.70 24.95 9.51
C ILE E 108 14.41 25.44 8.10
N LEU E 109 13.19 25.90 7.87
CA LEU E 109 12.81 26.40 6.56
C LEU E 109 13.27 27.84 6.36
N GLY E 110 14.14 28.31 7.25
CA GLY E 110 14.69 29.65 7.15
C GLY E 110 13.67 30.73 7.44
N LYS E 111 12.90 30.53 8.49
CA LYS E 111 11.84 31.48 8.86
C LYS E 111 11.86 31.73 10.35
N MET E 112 11.68 32.97 10.75
CA MET E 112 11.71 33.24 12.18
C MET E 112 10.53 34.08 12.61
N VAL E 113 10.05 33.81 13.82
CA VAL E 113 8.74 34.24 14.23
C VAL E 113 8.77 35.69 14.74
N LYS E 114 7.66 36.39 14.52
CA LYS E 114 7.44 37.70 15.08
C LYS E 114 6.85 37.55 16.48
N TRP E 115 7.66 37.67 17.52
CA TRP E 115 7.17 37.31 18.88
C TRP E 115 6.03 38.18 19.37
N GLY E 116 5.69 39.24 18.62
CA GLY E 116 4.57 40.09 18.98
C GLY E 116 3.30 39.32 19.26
N PRO E 117 2.70 38.76 18.20
CA PRO E 117 1.46 37.98 18.32
C PRO E 117 1.52 36.83 19.31
N LEU E 118 2.71 36.29 19.57
CA LEU E 118 2.81 35.08 20.36
C LEU E 118 2.95 35.33 21.86
N ARG E 119 3.20 36.58 22.25
CA ARG E 119 3.36 36.95 23.66
C ARG E 119 2.33 36.31 24.60
N PRO E 120 1.04 36.30 24.21
CA PRO E 120 0.08 35.66 25.13
C PRO E 120 0.07 34.14 25.12
N PHE E 121 0.91 33.51 24.30
CA PHE E 121 0.92 32.06 24.25
C PHE E 121 2.18 31.46 24.87
N LEU E 122 3.22 32.27 25.01
CA LEU E 122 4.49 31.76 25.50
C LEU E 122 5.03 32.53 26.71
N SER E 123 5.82 31.84 27.52
CA SER E 123 6.49 32.47 28.66
C SER E 123 7.76 33.14 28.15
N GLN E 124 8.10 34.30 28.70
CA GLN E 124 9.26 35.07 28.24
C GLN E 124 10.53 34.24 28.24
N GLU E 125 10.64 33.29 29.15
CA GLU E 125 11.81 32.41 29.22
C GLU E 125 11.86 31.49 27.99
N THR E 126 10.70 31.05 27.51
CA THR E 126 10.64 30.31 26.26
C THR E 126 11.12 31.22 25.12
N ILE E 127 10.50 32.40 24.99
CA ILE E 127 10.89 33.37 23.97
C ILE E 127 12.39 33.60 24.00
N ASP E 128 12.96 33.77 25.19
CA ASP E 128 14.40 33.97 25.33
C ASP E 128 15.17 32.76 24.83
N ASN E 129 14.73 31.58 25.24
CA ASN E 129 15.45 30.37 24.90
C ASN E 129 15.47 30.12 23.39
N TRP E 130 14.39 30.50 22.71
CA TRP E 130 14.39 30.40 21.26
C TRP E 130 15.20 31.56 20.69
N SER E 131 14.99 32.76 21.24
CA SER E 131 15.72 33.96 20.85
C SER E 131 17.23 33.74 20.70
N VAL E 132 17.83 33.07 21.67
CA VAL E 132 19.27 32.88 21.64
C VAL E 132 19.66 31.94 20.49
N LEU E 133 18.91 30.85 20.32
CA LEU E 133 19.14 29.96 19.19
C LEU E 133 18.88 30.71 17.89
N TYR E 134 17.84 31.54 17.90
CA TYR E 134 17.48 32.34 16.72
C TYR E 134 18.66 33.13 16.17
N LYS E 135 19.52 33.65 17.04
CA LYS E 135 20.62 34.48 16.57
C LYS E 135 21.80 33.62 16.15
N HIS E 136 22.20 32.64 16.98
CA HIS E 136 23.25 31.67 16.63
C HIS E 136 23.14 31.20 15.18
N VAL E 137 21.91 30.85 14.81
CA VAL E 137 21.57 30.49 13.45
C VAL E 137 21.79 31.68 12.52
N ARG E 138 21.30 32.85 12.93
CA ARG E 138 21.30 34.00 12.05
C ARG E 138 22.70 34.44 11.62
N TYR E 139 23.66 34.30 12.52
CA TYR E 139 25.00 34.78 12.24
C TYR E 139 25.96 33.67 11.84
N GLY E 140 25.48 32.44 11.86
CA GLY E 140 26.28 31.33 11.38
C GLY E 140 27.22 30.75 12.42
N ASN E 141 26.72 30.63 13.65
CA ASN E 141 27.51 30.12 14.76
C ASN E 141 27.20 28.65 15.01
N ILE E 142 27.83 27.77 14.23
CA ILE E 142 27.59 26.32 14.33
C ILE E 142 27.74 25.82 15.77
N GLN E 143 28.81 26.23 16.44
CA GLN E 143 29.04 25.78 17.80
C GLN E 143 27.96 26.28 18.74
N GLY E 144 27.45 27.48 18.46
CA GLY E 144 26.36 28.02 19.24
C GLY E 144 25.14 27.13 19.14
N VAL E 145 24.79 26.76 17.92
CA VAL E 145 23.66 25.87 17.65
C VAL E 145 23.79 24.53 18.36
N SER E 146 24.96 23.91 18.25
CA SER E 146 25.26 22.67 18.98
C SER E 146 24.99 22.79 20.48
N LEU E 147 25.69 23.71 21.13
CA LEU E 147 25.59 23.85 22.58
C LEU E 147 24.19 24.24 23.05
N TRP E 148 23.39 24.81 22.15
CA TRP E 148 22.01 25.12 22.48
C TRP E 148 21.20 23.84 22.50
N LEU E 149 21.38 23.03 21.46
CA LEU E 149 20.74 21.73 21.37
C LEU E 149 21.16 20.88 22.56
N ARG E 150 22.45 20.90 22.87
CA ARG E 150 23.00 20.15 24.00
C ARG E 150 22.31 20.46 25.33
N GLN E 151 22.02 21.74 25.58
CA GLN E 151 21.32 22.15 26.80
C GLN E 151 19.94 21.57 26.80
N ASN E 152 19.27 21.97 25.72
CA ASN E 152 17.86 21.75 25.43
C ASN E 152 17.53 20.37 24.94
N GLU E 153 18.57 19.52 24.90
CA GLU E 153 18.48 18.14 24.40
C GLU E 153 17.31 17.36 24.93
N ARG E 154 17.23 17.31 26.26
CA ARG E 154 16.37 16.34 26.90
C ARG E 154 14.89 16.58 26.59
N HIS E 155 14.39 17.82 26.55
CA HIS E 155 12.95 17.87 26.45
C HIS E 155 12.67 18.24 24.99
N LEU E 156 13.74 18.41 24.22
CA LEU E 156 13.65 18.38 22.77
C LEU E 156 13.44 16.94 22.30
N CYS E 157 14.16 16.00 22.91
CA CYS E 157 13.94 14.57 22.65
C CYS E 157 12.51 14.16 22.98
N ALA E 158 12.03 14.64 24.13
CA ALA E 158 10.68 14.35 24.58
C ALA E 158 9.64 14.69 23.53
N ARG E 159 9.98 15.64 22.66
CA ARG E 159 9.07 16.07 21.60
C ARG E 159 9.51 15.66 20.20
N GLN E 160 10.50 14.76 20.12
CA GLN E 160 11.03 14.28 18.85
C GLN E 160 11.63 15.38 17.98
N LEU E 161 12.20 16.39 18.62
CA LEU E 161 12.72 17.57 17.92
C LEU E 161 14.24 17.63 17.90
N LEU E 162 14.88 16.95 18.86
CA LEU E 162 16.34 17.00 19.02
C LEU E 162 17.06 16.70 17.71
N ILE E 163 16.66 15.62 17.09
CA ILE E 163 17.36 15.14 15.90
C ILE E 163 17.08 15.92 14.62
N VAL E 164 15.80 16.18 14.34
CA VAL E 164 15.49 16.87 13.10
C VAL E 164 16.27 18.19 13.05
N LEU E 165 16.30 18.93 14.15
CA LEU E 165 17.12 20.14 14.24
C LEU E 165 18.61 19.86 14.03
N LEU E 166 19.14 18.88 14.77
CA LEU E 166 20.56 18.56 14.73
C LEU E 166 21.06 18.29 13.30
N GLU E 167 20.15 17.83 12.45
CA GLU E 167 20.50 17.54 11.07
C GLU E 167 20.13 18.69 10.15
N LYS E 168 18.97 19.29 10.37
CA LYS E 168 18.44 20.26 9.42
C LYS E 168 18.83 21.72 9.72
N LEU E 169 19.17 22.02 10.96
CA LEU E 169 19.59 23.38 11.31
C LEU E 169 20.95 23.76 10.72
N PRO E 170 21.97 22.87 10.80
CA PRO E 170 23.28 23.16 10.22
C PRO E 170 23.29 23.93 8.91
N MET E 171 22.74 23.36 7.84
CA MET E 171 22.87 23.96 6.51
C MET E 171 22.30 25.39 6.40
N VAL E 172 21.31 25.74 7.20
CA VAL E 172 20.86 27.13 7.24
C VAL E 172 21.92 27.99 7.90
N THR E 173 22.35 27.58 9.09
CA THR E 173 23.42 28.24 9.82
C THR E 173 24.64 28.45 8.92
N TYR E 174 24.92 27.47 8.07
CA TYR E 174 26.03 27.59 7.13
C TYR E 174 25.80 28.66 6.05
N ARG E 175 24.56 28.77 5.57
CA ARG E 175 24.24 29.77 4.56
C ARG E 175 24.57 31.17 5.06
N ASN E 176 23.94 31.53 6.17
CA ASN E 176 24.23 32.77 6.88
C ASN E 176 25.73 33.02 7.06
N LEU E 177 26.43 32.03 7.61
CA LEU E 177 27.87 32.13 7.82
C LEU E 177 28.61 32.53 6.54
N ILE E 178 28.43 31.73 5.50
CA ILE E 178 29.12 31.98 4.24
C ILE E 178 28.63 33.27 3.57
N LYS E 179 27.38 33.64 3.82
CA LYS E 179 26.84 34.89 3.28
C LYS E 179 27.55 36.11 3.85
N THR E 180 27.81 36.10 5.15
CA THR E 180 28.50 37.21 5.80
C THR E 180 29.90 37.37 5.19
N VAL E 181 30.56 36.24 5.00
CA VAL E 181 31.87 36.22 4.34
C VAL E 181 31.78 36.86 2.97
N ILE E 182 31.03 36.21 2.10
CA ILE E 182 30.75 36.68 0.74
C ILE E 182 30.42 38.17 0.66
N LYS E 183 29.57 38.63 1.57
CA LYS E 183 29.19 40.03 1.58
C LYS E 183 30.42 40.90 1.73
N SER E 184 31.10 40.77 2.86
CA SER E 184 32.25 41.61 3.13
C SER E 184 33.46 41.29 2.23
N TRP E 185 33.42 40.19 1.50
CA TRP E 185 34.58 39.83 0.69
C TRP E 185 34.38 40.11 -0.79
N THR E 186 33.15 40.02 -1.32
CA THR E 186 32.97 40.17 -2.76
C THR E 186 32.00 41.27 -3.18
N THR E 187 31.35 41.92 -2.23
CA THR E 187 30.46 43.02 -2.55
C THR E 187 31.02 44.32 -1.97
N GLU E 188 31.73 44.17 -0.85
CA GLU E 188 32.36 45.32 -0.18
C GLU E 188 33.82 45.44 -0.58
N TRP E 189 34.48 44.31 -0.77
CA TRP E 189 35.87 44.30 -1.18
C TRP E 189 36.02 43.83 -2.61
N GLY E 190 34.88 43.71 -3.31
CA GLY E 190 34.83 43.25 -4.68
C GLY E 190 35.87 42.19 -5.04
N GLN E 191 35.86 41.07 -4.32
CA GLN E 191 36.83 40.00 -4.54
C GLN E 191 36.17 38.73 -5.04
N ASN E 192 36.01 38.69 -6.36
CA ASN E 192 35.32 37.67 -7.13
C ASN E 192 35.46 36.26 -6.56
N LYS E 193 36.70 35.81 -6.34
CA LYS E 193 36.92 34.43 -5.94
C LYS E 193 37.39 34.24 -4.50
N LEU E 194 36.85 33.19 -3.87
CA LEU E 194 37.14 32.86 -2.46
C LEU E 194 37.94 31.59 -2.31
N PRO E 195 39.19 31.72 -1.85
CA PRO E 195 39.97 30.49 -1.71
C PRO E 195 39.51 29.65 -0.51
N TYR E 196 39.64 28.33 -0.60
CA TYR E 196 39.18 27.42 0.47
C TYR E 196 39.84 27.74 1.80
N SER E 197 41.10 28.12 1.72
CA SER E 197 41.89 28.53 2.87
C SER E 197 41.21 29.64 3.67
N LEU E 198 40.41 30.45 2.97
CA LEU E 198 39.62 31.50 3.59
C LEU E 198 38.48 30.90 4.41
N ILE E 199 37.62 30.12 3.74
CA ILE E 199 36.49 29.45 4.40
C ILE E 199 36.98 28.60 5.57
N GLU E 200 38.12 27.94 5.36
CA GLU E 200 38.78 27.12 6.38
C GLU E 200 38.88 27.73 7.78
N ARG E 201 39.36 28.98 7.85
CA ARG E 201 39.57 29.63 9.14
C ARG E 201 38.30 30.33 9.63
N VAL E 202 37.43 30.64 8.68
CA VAL E 202 36.07 31.04 8.98
C VAL E 202 35.33 29.90 9.66
N LEU E 203 35.48 28.69 9.11
CA LEU E 203 34.80 27.51 9.62
C LEU E 203 35.32 27.12 10.98
N GLN E 204 36.60 27.35 11.24
CA GLN E 204 37.17 27.03 12.54
C GLN E 204 36.55 27.87 13.66
N LEU E 205 36.32 29.15 13.35
CA LEU E 205 35.76 30.07 14.31
C LEU E 205 34.33 29.67 14.67
N SER E 206 33.59 29.30 13.61
CA SER E 206 32.18 28.95 13.72
C SER E 206 31.98 27.60 14.41
N ILE E 207 32.68 26.58 13.90
CA ILE E 207 32.49 25.21 14.34
C ILE E 207 33.01 24.91 15.75
N GLY E 208 34.26 25.28 16.01
CA GLY E 208 34.88 25.03 17.30
C GLY E 208 35.51 23.66 17.34
N PRO E 209 35.82 23.15 18.55
CA PRO E 209 36.39 21.82 18.76
C PRO E 209 35.59 20.70 18.08
N THR E 210 36.28 19.85 17.33
CA THR E 210 35.65 18.74 16.64
C THR E 210 35.88 17.44 17.41
N PHE E 211 35.55 16.29 16.80
CA PHE E 211 35.61 14.99 17.49
C PHE E 211 36.82 14.78 18.39
N GLU E 212 38.01 14.49 17.84
CA GLU E 212 39.18 14.25 18.67
C GLU E 212 40.22 15.37 18.60
N ASP E 213 39.76 16.59 18.26
CA ASP E 213 40.51 17.80 18.59
C ASP E 213 40.83 17.77 20.09
N PRO E 214 42.05 18.17 20.47
CA PRO E 214 42.53 18.13 21.87
C PRO E 214 41.51 18.65 22.88
N GLY E 215 41.21 17.85 23.90
CA GLY E 215 40.21 18.23 24.89
C GLY E 215 38.92 17.44 24.74
N ALA E 216 38.42 17.38 23.50
CA ALA E 216 37.26 16.55 23.16
C ALA E 216 37.70 15.21 22.59
N GLN E 217 37.24 14.08 23.14
CA GLN E 217 37.68 12.77 22.58
C GLN E 217 36.57 11.72 22.42
N GLU E 218 35.57 11.73 23.31
CA GLU E 218 34.42 10.91 23.00
C GLU E 218 33.62 11.56 21.86
N ILE E 219 33.30 10.78 20.84
CA ILE E 219 32.39 11.26 19.82
C ILE E 219 31.11 11.62 20.53
N THR E 220 30.46 12.67 20.08
CA THR E 220 29.13 12.97 20.57
C THR E 220 28.44 13.65 19.40
N ILE E 221 27.10 13.63 19.41
CA ILE E 221 26.32 14.20 18.32
C ILE E 221 26.59 15.70 18.18
N TYR E 222 27.20 16.27 19.22
CA TYR E 222 27.47 17.70 19.29
C TYR E 222 28.86 18.09 18.80
N ASN E 223 29.79 17.14 18.74
CA ASN E 223 31.10 17.47 18.18
C ASN E 223 31.63 16.42 17.21
N GLY E 224 30.74 15.75 16.49
CA GLY E 224 31.17 14.65 15.65
C GLY E 224 30.86 14.81 14.18
N ILE E 225 29.93 15.70 13.85
CA ILE E 225 29.48 15.84 12.48
C ILE E 225 30.19 16.99 11.77
N HIS E 226 30.58 18.02 12.53
CA HIS E 226 31.15 19.22 11.93
C HIS E 226 32.65 19.41 12.17
N SER E 227 33.39 19.55 11.08
CA SER E 227 34.82 19.77 11.10
C SER E 227 35.21 20.78 10.02
N PRO E 228 35.93 21.84 10.40
CA PRO E 228 36.37 22.87 9.45
C PRO E 228 37.22 22.30 8.33
N LYS E 229 37.96 21.23 8.61
CA LYS E 229 38.78 20.55 7.60
C LYS E 229 38.00 20.10 6.36
N ASN E 230 36.69 20.32 6.32
CA ASN E 230 35.86 19.85 5.21
C ASN E 230 35.29 20.98 4.36
N VAL E 231 36.11 22.00 4.12
CA VAL E 231 35.67 23.20 3.40
C VAL E 231 34.91 22.90 2.11
N GLU E 232 35.52 22.15 1.21
CA GLU E 232 34.94 21.94 -0.11
C GLU E 232 33.52 21.40 -0.03
N ASN E 233 33.28 20.51 0.94
CA ASN E 233 32.02 19.79 0.99
C ASN E 233 30.89 20.70 1.45
N VAL E 234 31.12 21.44 2.53
CA VAL E 234 30.07 22.27 3.10
C VAL E 234 29.59 23.27 2.05
N LEU E 235 30.49 23.63 1.13
CA LEU E 235 30.11 24.41 -0.03
C LEU E 235 29.25 23.60 -1.02
N VAL E 236 29.69 22.39 -1.37
CA VAL E 236 28.99 21.57 -2.37
C VAL E 236 27.53 21.33 -2.03
N THR E 237 27.25 21.04 -0.76
CA THR E 237 25.88 20.86 -0.28
C THR E 237 25.10 22.16 -0.44
N LEU E 238 25.69 23.25 0.06
CA LEU E 238 25.09 24.58 0.00
C LEU E 238 24.69 24.95 -1.44
N ILE E 239 25.47 24.47 -2.40
CA ILE E 239 25.18 24.75 -3.80
C ILE E 239 24.11 23.82 -4.35
N ASN E 240 24.14 22.56 -3.90
CA ASN E 240 23.15 21.59 -4.35
C ASN E 240 21.78 21.87 -3.75
N LEU E 241 21.77 22.46 -2.56
CA LEU E 241 20.51 22.84 -1.93
C LEU E 241 19.98 24.14 -2.52
N GLY E 242 20.71 24.71 -3.48
CA GLY E 242 20.33 25.95 -4.12
C GLY E 242 20.46 27.15 -3.19
N LEU E 243 21.08 26.92 -2.03
CA LEU E 243 21.23 27.96 -1.01
C LEU E 243 22.35 28.90 -1.40
N LEU E 244 23.16 28.49 -2.36
CA LEU E 244 24.31 29.28 -2.81
C LEU E 244 24.56 29.07 -4.31
N ARG E 245 24.81 30.17 -5.01
CA ARG E 245 25.12 30.11 -6.43
C ARG E 245 26.61 30.31 -6.65
N ALA E 246 27.36 29.21 -6.70
CA ALA E 246 28.81 29.30 -6.87
C ALA E 246 29.35 28.15 -7.71
N ASN E 247 30.68 28.04 -7.71
CA ASN E 247 31.39 26.98 -8.42
C ASN E 247 32.60 26.55 -7.63
N CYS E 248 33.09 25.33 -7.88
CA CYS E 248 34.26 24.83 -7.18
C CYS E 248 35.35 24.43 -8.16
N PHE E 249 36.60 24.64 -7.75
CA PHE E 249 37.75 24.23 -8.53
C PHE E 249 38.69 23.45 -7.61
N PRO E 250 38.40 22.15 -7.43
CA PRO E 250 39.04 21.26 -6.45
C PRO E 250 40.57 21.36 -6.34
N GLN E 251 41.26 21.52 -7.48
CA GLN E 251 42.73 21.60 -7.51
C GLN E 251 43.25 23.04 -7.50
N LEU E 252 42.44 23.98 -7.99
CA LEU E 252 42.75 25.40 -7.85
C LEU E 252 42.53 25.86 -6.41
N GLN E 253 41.72 25.10 -5.67
CA GLN E 253 41.43 25.34 -4.26
C GLN E 253 40.68 26.65 -4.00
N LEU E 254 39.63 26.91 -4.78
CA LEU E 254 38.87 28.14 -4.62
C LEU E 254 37.41 28.01 -5.06
N CYS E 255 36.58 28.88 -4.50
CA CYS E 255 35.15 28.95 -4.81
C CYS E 255 34.87 30.23 -5.59
N VAL E 256 34.28 30.11 -6.77
CA VAL E 256 34.00 31.29 -7.60
C VAL E 256 32.53 31.63 -7.73
N VAL E 257 32.21 32.87 -7.38
CA VAL E 257 30.85 33.37 -7.48
C VAL E 257 30.78 34.49 -8.50
N LYS E 258 29.56 34.89 -8.86
CA LYS E 258 29.38 36.00 -9.79
C LYS E 258 29.83 37.32 -9.16
N LYS E 259 30.56 38.12 -9.94
CA LYS E 259 31.01 39.44 -9.49
C LYS E 259 29.89 40.45 -9.53
N THR E 260 29.48 40.94 -8.36
CA THR E 260 28.29 41.79 -8.26
C THR E 260 28.18 42.44 -6.89
N THR E 261 27.55 43.61 -6.81
CA THR E 261 27.41 44.33 -5.54
C THR E 261 26.14 43.95 -4.76
N MET E 262 25.19 43.33 -5.47
CA MET E 262 23.93 42.86 -4.90
C MET E 262 24.07 41.46 -4.31
N ILE E 263 23.98 41.36 -2.99
CA ILE E 263 24.24 40.10 -2.27
C ILE E 263 23.27 38.96 -2.60
N GLN E 264 22.01 39.29 -2.90
CA GLN E 264 21.00 38.25 -3.08
C GLN E 264 20.95 37.72 -4.52
N GLU E 265 22.07 37.81 -5.22
CA GLU E 265 22.17 37.16 -6.52
C GLU E 265 22.99 35.90 -6.35
N ILE E 266 23.77 35.86 -5.29
CA ILE E 266 24.68 34.75 -5.02
C ILE E 266 24.21 33.92 -3.82
N VAL E 267 23.63 34.59 -2.83
CA VAL E 267 23.00 33.91 -1.71
C VAL E 267 21.52 34.28 -1.65
N PRO E 268 20.67 33.61 -2.46
CA PRO E 268 19.23 33.88 -2.48
C PRO E 268 18.58 33.69 -1.11
N PRO E 269 17.39 34.26 -0.91
CA PRO E 269 16.68 34.12 0.38
C PRO E 269 16.35 32.66 0.72
N VAL E 270 16.93 32.19 1.80
CA VAL E 270 16.96 30.77 2.16
C VAL E 270 15.61 30.02 2.07
N ASN E 271 14.53 30.63 2.54
CA ASN E 271 13.24 29.94 2.60
C ASN E 271 12.66 29.50 1.27
N GLU E 272 12.41 30.46 0.39
CA GLU E 272 11.82 30.18 -0.91
C GLU E 272 12.68 29.16 -1.69
N ARG E 273 13.96 29.15 -1.40
CA ARG E 273 14.88 28.22 -2.04
C ARG E 273 14.59 26.78 -1.63
N ILE E 274 14.25 26.60 -0.35
CA ILE E 274 13.89 25.29 0.18
C ILE E 274 12.53 24.85 -0.33
N THR E 275 11.55 25.75 -0.22
CA THR E 275 10.18 25.43 -0.60
C THR E 275 10.05 25.14 -2.09
N LYS E 276 11.02 25.59 -2.88
CA LYS E 276 10.97 25.32 -4.30
C LYS E 276 11.40 23.88 -4.56
N MET E 277 12.46 23.45 -3.87
CA MET E 277 12.98 22.10 -4.02
C MET E 277 12.14 21.09 -3.21
N PHE E 278 11.29 21.60 -2.32
CA PHE E 278 10.42 20.74 -1.52
C PHE E 278 9.02 21.35 -1.41
N PRO E 279 8.28 21.38 -2.52
CA PRO E 279 6.92 21.90 -2.53
C PRO E 279 5.99 21.08 -1.65
N ALA E 280 4.95 21.73 -1.15
CA ALA E 280 4.00 21.08 -0.25
C ALA E 280 2.74 21.89 -0.16
N HIS E 281 1.61 21.36 -0.62
CA HIS E 281 0.41 22.16 -0.49
C HIS E 281 -0.45 21.78 0.71
N SER E 282 -1.22 22.78 1.14
CA SER E 282 -2.03 22.70 2.34
C SER E 282 -3.29 21.79 2.23
N HIS E 283 -3.93 21.54 1.09
CA HIS E 283 -5.12 20.68 1.27
C HIS E 283 -4.78 19.23 0.91
N VAL E 284 -3.59 18.78 1.33
CA VAL E 284 -3.34 17.35 1.37
C VAL E 284 -3.26 16.94 2.84
N LEU E 285 -4.23 16.15 3.30
CA LEU E 285 -4.30 15.77 4.71
C LEU E 285 -3.67 14.40 5.04
N TRP E 286 -2.66 13.97 4.28
CA TRP E 286 -2.07 12.66 4.46
C TRP E 286 -0.64 12.62 3.95
N GLU F 1 -2.46 18.17 31.18
CA GLU F 1 -1.82 19.33 31.80
C GLU F 1 -0.64 19.87 30.97
N GLU F 2 0.33 18.98 30.76
CA GLU F 2 1.70 19.34 30.39
C GLU F 2 2.10 18.64 29.10
N ASP F 3 1.38 17.56 28.82
CA ASP F 3 1.61 16.69 27.67
C ASP F 3 1.24 17.48 26.41
N ASP F 4 1.51 16.91 25.24
CA ASP F 4 1.35 17.62 23.99
C ASP F 4 -0.05 17.52 23.43
N GLU F 5 -0.92 16.83 24.15
CA GLU F 5 -2.28 16.61 23.69
C GLU F 5 -3.22 17.74 24.01
N PHE F 6 -3.79 18.32 22.96
CA PHE F 6 -4.79 19.37 23.06
C PHE F 6 -5.76 19.11 24.21
N GLU F 7 -6.01 20.14 25.00
CA GLU F 7 -7.07 20.08 25.99
C GLU F 7 -8.37 20.28 25.24
N ASP F 8 -9.50 20.09 25.90
CA ASP F 8 -10.77 20.21 25.21
C ASP F 8 -11.17 21.66 24.95
N PHE F 9 -11.55 21.94 23.70
CA PHE F 9 -12.21 23.19 23.36
C PHE F 9 -13.62 23.10 23.94
N PRO F 10 -14.20 24.24 24.35
CA PRO F 10 -15.55 24.28 24.89
C PRO F 10 -16.58 23.96 23.81
N ILE F 11 -17.85 24.18 24.10
CA ILE F 11 -18.87 23.84 23.10
C ILE F 11 -19.72 25.04 22.71
N ASP F 12 -19.88 25.16 21.39
CA ASP F 12 -20.63 26.22 20.76
C ASP F 12 -22.14 26.02 20.99
N ALA F 24 -10.78 33.40 8.33
CA ALA F 24 -11.59 34.61 8.44
C ALA F 24 -10.75 35.89 8.38
N VAL F 25 -10.41 36.42 9.55
CA VAL F 25 -9.76 37.72 9.66
C VAL F 25 -8.37 37.69 9.02
N THR F 26 -7.93 36.49 8.69
CA THR F 26 -6.72 36.26 7.94
C THR F 26 -5.48 36.83 8.61
N GLN F 27 -5.31 38.16 8.47
CA GLN F 27 -4.04 38.87 8.67
C GLN F 27 -3.00 38.25 9.62
N THR F 28 -2.80 38.89 10.77
CA THR F 28 -1.82 38.49 11.79
C THR F 28 -0.59 37.80 11.21
N ASN F 29 0.27 38.57 10.55
CA ASN F 29 1.50 37.98 10.03
C ASN F 29 2.41 37.73 11.22
N ILE F 30 2.79 36.48 11.39
CA ILE F 30 3.50 36.04 12.58
C ILE F 30 4.96 35.79 12.28
N TRP F 31 5.34 35.92 11.01
CA TRP F 31 6.73 35.69 10.63
C TRP F 31 7.47 37.00 10.42
N GLU F 32 8.67 37.09 11.00
CA GLU F 32 9.51 38.25 10.86
C GLU F 32 9.98 38.38 9.43
N GLU F 33 9.51 39.45 8.77
CA GLU F 33 9.69 39.63 7.35
C GLU F 33 11.11 40.12 7.06
N ASN F 34 11.56 41.15 7.78
CA ASN F 34 12.96 41.53 7.76
C ASN F 34 13.47 41.92 9.15
N TRP F 35 14.68 41.41 9.45
CA TRP F 35 15.37 41.56 10.74
C TRP F 35 15.60 42.98 11.23
N ASP F 36 15.98 43.06 12.50
CA ASP F 36 16.15 44.35 13.15
C ASP F 36 17.19 44.27 14.26
N ASP F 37 18.38 43.76 13.95
CA ASP F 37 19.44 43.69 14.95
C ASP F 37 20.69 44.44 14.48
N VAL F 38 21.48 44.94 15.42
CA VAL F 38 22.72 45.61 15.06
C VAL F 38 23.86 44.62 14.99
N GLU F 39 24.49 44.55 13.82
CA GLU F 39 25.46 43.51 13.52
C GLU F 39 26.78 43.65 14.30
N VAL F 40 27.08 44.85 14.79
CA VAL F 40 28.34 45.08 15.50
C VAL F 40 28.16 44.96 17.01
N ASP F 41 26.92 44.76 17.43
CA ASP F 41 26.61 44.55 18.84
C ASP F 41 26.62 43.07 19.18
N ASP F 42 27.04 42.24 18.23
CA ASP F 42 27.09 40.79 18.42
C ASP F 42 28.53 40.29 18.30
N ASP F 43 29.05 39.74 19.40
CA ASP F 43 30.47 39.39 19.53
C ASP F 43 30.97 38.45 18.45
N PHE F 44 30.29 37.30 18.30
CA PHE F 44 30.68 36.30 17.31
C PHE F 44 30.79 36.94 15.94
N THR F 45 29.83 37.80 15.62
CA THR F 45 29.84 38.44 14.34
C THR F 45 31.08 39.34 14.16
N ASN F 46 31.64 39.94 15.21
CA ASN F 46 32.77 40.80 14.89
C ASN F 46 34.02 39.94 14.76
N GLU F 47 34.13 38.86 15.55
CA GLU F 47 35.29 37.94 15.45
C GLU F 47 35.39 37.41 14.02
N LEU F 48 34.25 37.34 13.34
CA LEU F 48 34.21 36.87 11.99
C LEU F 48 34.82 37.92 11.06
N LYS F 49 34.35 39.16 11.20
CA LYS F 49 34.90 40.31 10.46
C LYS F 49 36.37 40.51 10.83
N ALA F 50 36.62 40.57 12.13
CA ALA F 50 37.95 40.82 12.66
C ALA F 50 39.00 39.84 12.11
N GLU F 51 38.61 38.61 11.82
CA GLU F 51 39.57 37.66 11.26
C GLU F 51 39.49 37.63 9.73
N LEU F 52 38.38 38.11 9.17
CA LEU F 52 38.31 38.37 7.74
C LEU F 52 39.35 39.44 7.38
N ASP F 53 39.53 40.40 8.29
CA ASP F 53 40.55 41.42 8.12
C ASP F 53 41.93 40.80 8.12
N ARG F 54 42.21 40.02 9.18
CA ARG F 54 43.51 39.36 9.33
C ARG F 54 43.88 38.56 8.10
N TYR F 55 42.89 37.97 7.43
CA TYR F 55 43.16 37.22 6.23
C TYR F 55 43.46 38.17 5.07
N LYS F 56 42.63 39.20 4.93
CA LYS F 56 42.78 40.16 3.83
C LYS F 56 44.09 40.89 3.91
N ARG F 57 44.41 41.42 5.10
CA ARG F 57 45.68 42.06 5.36
C ARG F 57 46.83 41.21 4.86
N GLU F 58 46.91 39.99 5.38
CA GLU F 58 48.01 39.08 5.04
C GLU F 58 47.90 38.56 3.61
N ASN F 59 47.21 37.44 3.43
CA ASN F 59 47.14 36.77 2.13
C ASN F 59 46.43 37.61 1.05
N GLN F 60 47.03 38.77 0.73
CA GLN F 60 46.48 39.66 -0.29
C GLN F 60 46.73 39.13 -1.69
#